data_8EQI
#
_entry.id   8EQI
#
_cell.length_a   57.450
_cell.length_b   92.030
_cell.length_c   153.200
_cell.angle_alpha   90.000
_cell.angle_beta   90.000
_cell.angle_gamma   90.000
#
_symmetry.space_group_name_H-M   'P 21 21 21'
#
loop_
_entity.id
_entity.type
_entity.pdbx_description
1 polymer 'Hdac6 protein'
2 polymer 'Cyclopeptide des4.2.0'
3 non-polymer 'ZINC ION'
4 non-polymer 'POTASSIUM ION'
5 water water
#
loop_
_entity_poly.entity_id
_entity_poly.type
_entity_poly.pdbx_seq_one_letter_code
_entity_poly.pdbx_strand_id
1 'polypeptide(L)'
;SNAGGSSPITGLVYDQRMMLHHNMWDSHHPELPQRISRIFSRHEELRLLSRCHRIPARLATEEELALCHSSKHISIIKSS
EHMKPRDLNRLGDEYNSIFISNESYTCALLAAGSCFNSAQAILTGQVRNAVAIVRPPGHHAEKDTACGFCFFNTAALTAR
YAQSITRESLRVLIVDWDVHHGNGTQHIFEEDDSVLYISLHRYEDGAFFPNSEDANYDKVGLGKGRGYNVNIPWNGGKMG
DPEYMAAFHHLVMPIAREFAPELVLVSAGFDAARGDPLGGFQVTPEGYAHLTHQLMSLAAGRVLIILEGGYNLTSISESM
SMCTSMLLGDSPPSLDHLTPLKTSATVSINNVLRAHAPFWSSLR
;
A,B
2 'polypeptide(L)' (U2M)Y(DGL)(DSN)S(DAS)RV F,G
#
# COMPACT_ATOMS: atom_id res chain seq x y z
N PRO A 8 8.75 -9.94 -24.37
CA PRO A 8 7.61 -10.53 -23.64
C PRO A 8 7.61 -10.14 -22.17
N ILE A 9 6.67 -9.28 -21.78
CA ILE A 9 6.64 -8.68 -20.45
C ILE A 9 5.46 -9.24 -19.69
N THR A 10 5.68 -9.57 -18.42
CA THR A 10 4.63 -9.98 -17.51
C THR A 10 4.32 -8.83 -16.57
N GLY A 11 3.05 -8.46 -16.47
CA GLY A 11 2.65 -7.40 -15.57
C GLY A 11 2.26 -7.94 -14.19
N LEU A 12 2.38 -7.08 -13.18
CA LEU A 12 1.90 -7.42 -11.85
C LEU A 12 1.27 -6.19 -11.21
N VAL A 13 0.08 -6.36 -10.62
CA VAL A 13 -0.55 -5.27 -9.86
C VAL A 13 -0.79 -5.76 -8.44
N TYR A 14 -0.40 -4.93 -7.49
CA TYR A 14 -0.58 -5.15 -6.06
C TYR A 14 -0.65 -3.78 -5.41
N ASP A 15 -1.57 -3.60 -4.48
CA ASP A 15 -1.68 -2.33 -3.75
C ASP A 15 -2.04 -2.67 -2.32
N GLN A 16 -1.17 -2.30 -1.38
CA GLN A 16 -1.44 -2.61 0.02
C GLN A 16 -2.68 -1.90 0.53
N ARG A 17 -3.22 -0.92 -0.20
CA ARG A 17 -4.47 -0.30 0.20
C ARG A 17 -5.60 -1.32 0.27
N MET A 18 -5.54 -2.39 -0.56
CA MET A 18 -6.57 -3.43 -0.43
C MET A 18 -6.48 -4.23 0.87
N MET A 19 -5.44 -4.03 1.69
CA MET A 19 -5.43 -4.68 3.01
C MET A 19 -6.42 -4.05 4.02
N LEU A 20 -6.99 -2.87 3.72
CA LEU A 20 -7.79 -2.16 4.73
C LEU A 20 -9.13 -2.83 5.01
N HIS A 21 -9.74 -3.46 4.00
CA HIS A 21 -10.92 -4.30 4.22
C HIS A 21 -10.63 -5.37 5.27
N HIS A 22 -11.39 -5.38 6.38
CA HIS A 22 -11.11 -6.32 7.45
C HIS A 22 -12.39 -6.67 8.20
N ASN A 23 -12.30 -7.71 9.02
CA ASN A 23 -13.42 -8.22 9.81
C ASN A 23 -13.29 -7.65 11.22
N MET A 24 -14.19 -6.73 11.55
CA MET A 24 -14.11 -6.04 12.84
C MET A 24 -14.46 -6.94 14.02
N TRP A 25 -15.21 -8.01 13.80
CA TRP A 25 -15.53 -8.91 14.91
C TRP A 25 -14.60 -10.10 15.03
N ASP A 26 -13.94 -10.52 13.95
CA ASP A 26 -13.02 -11.66 13.98
C ASP A 26 -11.80 -11.28 13.15
N SER A 27 -10.75 -10.81 13.82
CA SER A 27 -9.56 -10.37 13.11
C SER A 27 -8.77 -11.53 12.49
N HIS A 28 -9.08 -12.77 12.87
CA HIS A 28 -8.45 -13.96 12.30
C HIS A 28 -9.36 -14.66 11.29
N HIS A 29 -10.41 -13.98 10.81
CA HIS A 29 -11.22 -14.54 9.75
C HIS A 29 -10.31 -14.89 8.55
N PRO A 30 -10.56 -16.01 7.86
CA PRO A 30 -9.59 -16.48 6.86
C PRO A 30 -9.40 -15.56 5.66
N GLU A 31 -10.37 -14.73 5.30
CA GLU A 31 -10.16 -13.76 4.21
C GLU A 31 -9.42 -12.54 4.79
N LEU A 32 -8.12 -12.75 5.07
CA LEU A 32 -7.20 -11.92 5.85
C LEU A 32 -6.52 -10.85 4.98
N PRO A 33 -6.35 -9.65 5.51
CA PRO A 33 -5.52 -8.65 4.81
C PRO A 33 -4.16 -9.19 4.38
N GLN A 34 -3.51 -10.02 5.22
CA GLN A 34 -2.18 -10.54 4.89
C GLN A 34 -2.20 -11.58 3.77
N ARG A 35 -3.35 -11.97 3.24
CA ARG A 35 -3.34 -12.82 2.05
C ARG A 35 -2.55 -12.17 0.92
N ILE A 36 -2.79 -10.87 0.66
CA ILE A 36 -2.13 -10.26 -0.50
C ILE A 36 -0.71 -9.86 -0.17
N SER A 37 -0.46 -9.40 1.06
CA SER A 37 0.91 -9.02 1.40
C SER A 37 1.84 -10.24 1.48
N ARG A 38 1.31 -11.38 1.92
CA ARG A 38 2.12 -12.60 1.91
C ARG A 38 2.42 -13.05 0.50
N ILE A 39 1.43 -13.02 -0.40
CA ILE A 39 1.68 -13.42 -1.79
C ILE A 39 2.70 -12.48 -2.42
N PHE A 40 2.54 -11.18 -2.18
CA PHE A 40 3.49 -10.21 -2.71
C PHE A 40 4.88 -10.45 -2.17
N SER A 41 5.01 -10.63 -0.85
CA SER A 41 6.31 -10.93 -0.26
C SER A 41 6.96 -12.16 -0.89
N ARG A 42 6.18 -13.21 -1.15
CA ARG A 42 6.73 -14.43 -1.74
C ARG A 42 7.25 -14.18 -3.15
N HIS A 43 6.54 -13.36 -3.94
CA HIS A 43 7.03 -12.97 -5.26
C HIS A 43 8.39 -12.29 -5.16
N GLU A 44 8.57 -11.47 -4.13
CA GLU A 44 9.84 -10.79 -3.96
C GLU A 44 10.93 -11.76 -3.51
N GLU A 45 10.57 -12.72 -2.66
CA GLU A 45 11.53 -13.71 -2.19
C GLU A 45 12.00 -14.62 -3.32
N LEU A 46 11.10 -14.99 -4.23
CA LEU A 46 11.43 -15.87 -5.32
C LEU A 46 11.99 -15.13 -6.52
N ARG A 47 12.18 -13.82 -6.39
CA ARG A 47 12.79 -12.95 -7.40
C ARG A 47 11.89 -12.73 -8.60
N LEU A 48 10.60 -13.04 -8.48
CA LEU A 48 9.68 -12.84 -9.59
C LEU A 48 9.30 -11.37 -9.74
N LEU A 49 9.23 -10.66 -8.61
CA LEU A 49 8.83 -9.26 -8.62
C LEU A 49 9.72 -8.43 -9.53
N SER A 50 11.04 -8.56 -9.36
CA SER A 50 11.99 -7.79 -10.17
C SER A 50 11.87 -8.11 -11.65
N ARG A 51 11.31 -9.27 -11.99
CA ARG A 51 11.16 -9.69 -13.39
C ARG A 51 9.85 -9.22 -14.02
N CYS A 52 8.94 -8.63 -13.25
CA CYS A 52 7.63 -8.16 -13.74
C CYS A 52 7.63 -6.65 -13.94
N HIS A 53 6.72 -6.18 -14.81
CA HIS A 53 6.40 -4.76 -14.95
C HIS A 53 5.25 -4.42 -14.01
N ARG A 54 5.51 -3.55 -13.03
CA ARG A 54 4.47 -3.13 -12.09
C ARG A 54 3.38 -2.34 -12.82
N ILE A 55 2.16 -2.82 -12.75
CA ILE A 55 0.98 -2.13 -13.28
C ILE A 55 0.28 -1.44 -12.12
N PRO A 56 -0.13 -0.18 -12.23
CA PRO A 56 -0.74 0.50 -11.09
C PRO A 56 -2.18 0.11 -10.84
N ALA A 57 -2.55 0.07 -9.54
CA ALA A 57 -3.96 -0.08 -9.20
C ALA A 57 -4.71 1.20 -9.48
N ARG A 58 -6.02 1.07 -9.65
CA ARG A 58 -6.91 2.23 -9.68
C ARG A 58 -8.29 1.80 -9.20
N LEU A 59 -9.10 2.77 -8.81
CA LEU A 59 -10.48 2.53 -8.45
C LEU A 59 -11.31 2.31 -9.70
N ALA A 60 -12.19 1.30 -9.67
CA ALA A 60 -13.22 1.22 -10.70
C ALA A 60 -14.14 2.42 -10.55
N THR A 61 -14.72 2.87 -11.67
CA THR A 61 -15.80 3.84 -11.60
C THR A 61 -17.14 3.14 -11.39
N GLU A 62 -18.12 3.88 -10.86
CA GLU A 62 -19.47 3.32 -10.73
C GLU A 62 -20.05 2.97 -12.10
N GLU A 63 -19.67 3.72 -13.14
CA GLU A 63 -20.10 3.37 -14.49
C GLU A 63 -19.51 2.02 -14.90
N GLU A 64 -18.27 1.75 -14.52
CA GLU A 64 -17.67 0.46 -14.83
C GLU A 64 -18.33 -0.66 -14.04
N LEU A 65 -18.70 -0.39 -12.78
CA LEU A 65 -19.39 -1.41 -11.98
C LEU A 65 -20.74 -1.79 -12.61
N ALA A 66 -21.44 -0.81 -13.21
CA ALA A 66 -22.72 -1.10 -13.85
C ALA A 66 -22.59 -1.96 -15.12
N LEU A 67 -21.38 -2.28 -15.58
CA LEU A 67 -21.26 -3.26 -16.66
C LEU A 67 -21.84 -4.61 -16.23
N CYS A 68 -21.82 -4.90 -14.93
CA CYS A 68 -22.33 -6.18 -14.43
C CYS A 68 -23.32 -6.07 -13.28
N HIS A 69 -23.34 -4.96 -12.54
CA HIS A 69 -24.09 -4.88 -11.29
C HIS A 69 -25.18 -3.84 -11.38
N SER A 70 -26.22 -4.03 -10.58
CA SER A 70 -27.36 -3.12 -10.57
C SER A 70 -27.04 -1.88 -9.75
N SER A 71 -27.71 -0.77 -10.09
CA SER A 71 -27.46 0.47 -9.37
C SER A 71 -27.88 0.36 -7.91
N LYS A 72 -28.84 -0.51 -7.60
CA LYS A 72 -29.18 -0.75 -6.20
C LYS A 72 -28.00 -1.37 -5.46
N HIS A 73 -27.43 -2.45 -6.02
CA HIS A 73 -26.33 -3.13 -5.36
C HIS A 73 -25.14 -2.19 -5.18
N ILE A 74 -24.76 -1.48 -6.25
CA ILE A 74 -23.67 -0.50 -6.15
C ILE A 74 -23.97 0.50 -5.04
N SER A 75 -25.19 1.06 -5.03
CA SER A 75 -25.51 2.07 -4.03
C SER A 75 -25.44 1.50 -2.62
N ILE A 76 -25.91 0.26 -2.41
CA ILE A 76 -25.91 -0.32 -1.07
C ILE A 76 -24.48 -0.48 -0.55
N ILE A 77 -23.60 -1.05 -1.37
CA ILE A 77 -22.22 -1.24 -0.92
C ILE A 77 -21.53 0.10 -0.73
N LYS A 78 -21.79 1.06 -1.64
CA LYS A 78 -21.23 2.40 -1.48
C LYS A 78 -21.62 3.00 -0.14
N SER A 79 -22.86 2.76 0.30
CA SER A 79 -23.40 3.34 1.53
C SER A 79 -22.70 2.84 2.78
N SER A 80 -21.92 1.75 2.70
CA SER A 80 -21.26 1.21 3.87
C SER A 80 -20.00 1.97 4.23
N GLU A 81 -19.43 2.72 3.28
CA GLU A 81 -18.20 3.46 3.52
C GLU A 81 -18.28 4.36 4.77
N HIS A 82 -19.47 4.85 5.11
CA HIS A 82 -19.58 5.79 6.23
C HIS A 82 -20.44 5.28 7.38
N MET A 83 -20.82 4.00 7.40
CA MET A 83 -21.67 3.48 8.46
C MET A 83 -20.90 3.28 9.76
N LYS A 84 -21.62 3.40 10.88
CA LYS A 84 -21.11 3.02 12.19
C LYS A 84 -21.06 1.50 12.31
N PRO A 85 -20.27 0.97 13.26
CA PRO A 85 -20.09 -0.49 13.35
C PRO A 85 -21.37 -1.30 13.39
N ARG A 86 -22.41 -0.83 14.07
CA ARG A 86 -23.64 -1.63 14.17
C ARG A 86 -24.37 -1.67 12.83
N ASP A 87 -24.30 -0.60 12.05
CA ASP A 87 -24.89 -0.63 10.72
C ASP A 87 -24.10 -1.55 9.78
N LEU A 88 -22.76 -1.58 9.91
CA LEU A 88 -21.96 -2.50 9.11
C LEU A 88 -22.27 -3.95 9.44
N ASN A 89 -22.37 -4.28 10.74
CA ASN A 89 -22.70 -5.63 11.17
C ASN A 89 -24.06 -6.06 10.62
N ARG A 90 -25.06 -5.17 10.68
CA ARG A 90 -26.39 -5.53 10.19
C ARG A 90 -26.43 -5.65 8.67
N LEU A 91 -25.75 -4.76 7.94
CA LEU A 91 -25.71 -4.91 6.49
C LEU A 91 -25.04 -6.22 6.09
N GLY A 92 -23.91 -6.53 6.74
CA GLY A 92 -23.21 -7.77 6.42
C GLY A 92 -24.07 -8.99 6.63
N ASP A 93 -24.84 -9.02 7.72
CA ASP A 93 -25.71 -10.15 8.02
C ASP A 93 -26.82 -10.34 7.00
N GLU A 94 -27.08 -9.33 6.17
CA GLU A 94 -28.11 -9.47 5.14
C GLU A 94 -27.66 -10.33 3.98
N TYR A 95 -26.36 -10.65 3.88
CA TYR A 95 -25.82 -11.47 2.82
C TYR A 95 -25.42 -12.83 3.38
N ASN A 96 -25.16 -13.74 2.46
CA ASN A 96 -24.58 -15.03 2.77
C ASN A 96 -23.06 -14.89 2.82
N SER A 97 -22.47 -15.07 4.01
CA SER A 97 -21.03 -15.14 4.22
C SER A 97 -20.29 -13.88 3.78
N ILE A 98 -20.63 -12.76 4.44
CA ILE A 98 -20.06 -11.46 4.11
C ILE A 98 -19.78 -10.71 5.41
N PHE A 99 -18.59 -10.10 5.50
CA PHE A 99 -18.29 -9.11 6.54
C PHE A 99 -17.92 -7.81 5.84
N ILE A 100 -18.24 -6.68 6.47
CA ILE A 100 -18.04 -5.36 5.87
C ILE A 100 -17.40 -4.43 6.88
N SER A 101 -16.38 -3.69 6.45
CA SER A 101 -15.83 -2.57 7.21
C SER A 101 -15.97 -1.28 6.39
N ASN A 102 -15.61 -0.15 7.00
CA ASN A 102 -15.73 1.13 6.30
C ASN A 102 -14.85 1.20 5.05
N GLU A 103 -13.84 0.33 4.94
CA GLU A 103 -12.92 0.32 3.81
C GLU A 103 -13.28 -0.70 2.72
N SER A 104 -14.30 -1.53 2.94
CA SER A 104 -14.58 -2.63 2.00
C SER A 104 -14.88 -2.11 0.59
N TYR A 105 -15.73 -1.10 0.48
CA TYR A 105 -16.13 -0.59 -0.83
C TYR A 105 -14.92 -0.13 -1.63
N THR A 106 -14.10 0.73 -1.03
CA THR A 106 -12.87 1.19 -1.69
C THR A 106 -11.97 0.03 -2.06
N CYS A 107 -11.89 -0.98 -1.20
CA CYS A 107 -11.06 -2.14 -1.53
C CYS A 107 -11.63 -2.91 -2.72
N ALA A 108 -12.96 -3.07 -2.79
CA ALA A 108 -13.54 -3.76 -3.94
C ALA A 108 -13.37 -2.97 -5.23
N LEU A 109 -13.39 -1.62 -5.15
CA LEU A 109 -13.11 -0.79 -6.33
C LEU A 109 -11.66 -0.95 -6.78
N LEU A 110 -10.73 -1.01 -5.83
CA LEU A 110 -9.33 -1.13 -6.20
C LEU A 110 -9.04 -2.49 -6.81
N ALA A 111 -9.73 -3.53 -6.35
CA ALA A 111 -9.58 -4.87 -6.92
C ALA A 111 -10.02 -4.90 -8.39
N ALA A 112 -11.19 -4.34 -8.67
CA ALA A 112 -11.70 -4.32 -10.03
C ALA A 112 -10.84 -3.42 -10.93
N GLY A 113 -10.56 -2.19 -10.48
CA GLY A 113 -9.76 -1.28 -11.28
C GLY A 113 -8.34 -1.78 -11.55
N SER A 114 -7.74 -2.50 -10.60
CA SER A 114 -6.44 -3.14 -10.82
C SER A 114 -6.48 -4.09 -12.01
N CYS A 115 -7.55 -4.89 -12.10
CA CYS A 115 -7.70 -5.85 -13.21
C CYS A 115 -8.06 -5.18 -14.53
N PHE A 116 -8.84 -4.08 -14.48
CA PHE A 116 -9.05 -3.26 -15.67
C PHE A 116 -7.73 -2.77 -16.26
N ASN A 117 -6.85 -2.18 -15.41
CA ASN A 117 -5.56 -1.66 -15.87
C ASN A 117 -4.67 -2.78 -16.37
N SER A 118 -4.81 -3.96 -15.79
CA SER A 118 -4.05 -5.11 -16.26
C SER A 118 -4.56 -5.58 -17.63
N ALA A 119 -5.89 -5.68 -17.78
CA ALA A 119 -6.45 -6.14 -19.06
C ALA A 119 -6.16 -5.14 -20.17
N GLN A 120 -6.23 -3.85 -19.86
CA GLN A 120 -5.91 -2.81 -20.84
C GLN A 120 -4.43 -2.87 -21.21
N ALA A 121 -3.56 -3.12 -20.24
CA ALA A 121 -2.14 -3.28 -20.54
C ALA A 121 -1.90 -4.49 -21.45
N ILE A 122 -2.61 -5.59 -21.21
CA ILE A 122 -2.48 -6.77 -22.06
C ILE A 122 -3.04 -6.50 -23.46
N LEU A 123 -4.27 -5.98 -23.53
CA LEU A 123 -4.91 -5.83 -24.83
C LEU A 123 -4.24 -4.79 -25.72
N THR A 124 -3.54 -3.80 -25.15
CA THR A 124 -2.83 -2.83 -25.97
C THR A 124 -1.39 -3.24 -26.28
N GLY A 125 -0.93 -4.39 -25.75
CA GLY A 125 0.40 -4.88 -26.06
C GLY A 125 1.52 -4.33 -25.20
N GLN A 126 1.22 -3.53 -24.17
CA GLN A 126 2.24 -3.12 -23.23
C GLN A 126 2.83 -4.33 -22.49
N VAL A 127 2.01 -5.33 -22.19
CA VAL A 127 2.50 -6.58 -21.63
C VAL A 127 1.84 -7.74 -22.37
N ARG A 128 2.47 -8.90 -22.29
CA ARG A 128 1.87 -10.12 -22.80
C ARG A 128 0.80 -10.68 -21.87
N ASN A 129 1.06 -10.69 -20.56
CA ASN A 129 0.19 -11.33 -19.58
C ASN A 129 0.41 -10.63 -18.24
N ALA A 130 -0.34 -11.03 -17.21
CA ALA A 130 -0.36 -10.25 -15.97
C ALA A 130 -0.95 -11.05 -14.81
N VAL A 131 -0.57 -10.65 -13.61
CA VAL A 131 -1.07 -11.26 -12.38
C VAL A 131 -1.56 -10.14 -11.47
N ALA A 132 -2.70 -10.36 -10.82
CA ALA A 132 -3.34 -9.34 -10.01
C ALA A 132 -3.52 -9.88 -8.59
N ILE A 133 -2.78 -9.32 -7.65
CA ILE A 133 -2.82 -9.75 -6.26
C ILE A 133 -3.82 -8.83 -5.55
N VAL A 134 -5.09 -9.23 -5.54
CA VAL A 134 -6.18 -8.34 -5.17
C VAL A 134 -7.10 -9.03 -4.14
N ARG A 135 -7.72 -8.21 -3.29
CA ARG A 135 -8.68 -8.49 -2.23
C ARG A 135 -9.71 -7.38 -2.23
N PRO A 136 -10.97 -7.63 -1.83
CA PRO A 136 -11.69 -8.89 -1.60
C PRO A 136 -11.92 -9.66 -2.90
N PRO A 137 -12.24 -10.95 -2.80
CA PRO A 137 -12.52 -11.74 -4.00
C PRO A 137 -13.76 -11.28 -4.76
N GLY A 138 -14.02 -11.91 -5.90
CA GLY A 138 -15.11 -11.47 -6.75
C GLY A 138 -16.12 -12.50 -7.24
N HIS A 139 -15.76 -13.78 -7.33
CA HIS A 139 -16.56 -14.65 -8.20
C HIS A 139 -17.92 -15.04 -7.64
N HIS A 140 -18.19 -14.84 -6.34
CA HIS A 140 -19.53 -15.12 -5.82
C HIS A 140 -20.47 -13.92 -5.93
N ALA A 141 -19.95 -12.74 -6.22
CA ALA A 141 -20.80 -11.55 -6.33
C ALA A 141 -21.74 -11.70 -7.53
N GLU A 142 -23.03 -11.45 -7.29
CA GLU A 142 -24.06 -11.47 -8.31
C GLU A 142 -24.32 -10.06 -8.80
N LYS A 143 -25.15 -9.96 -9.84
CA LYS A 143 -25.52 -8.64 -10.34
C LYS A 143 -26.09 -7.77 -9.23
N ASP A 144 -26.92 -8.34 -8.36
CA ASP A 144 -27.67 -7.56 -7.41
C ASP A 144 -27.31 -7.85 -5.95
N THR A 145 -26.25 -8.60 -5.67
CA THR A 145 -25.99 -8.92 -4.28
C THR A 145 -24.54 -9.35 -4.06
N ALA A 146 -24.03 -9.06 -2.86
CA ALA A 146 -22.75 -9.60 -2.43
C ALA A 146 -22.93 -10.98 -1.82
N CYS A 147 -21.86 -11.78 -1.85
CA CYS A 147 -21.90 -13.15 -1.39
C CYS A 147 -20.48 -13.70 -1.26
N GLY A 148 -20.27 -14.57 -0.27
CA GLY A 148 -19.07 -15.39 -0.22
C GLY A 148 -17.76 -14.63 -0.23
N PHE A 149 -17.68 -13.59 0.60
CA PHE A 149 -16.55 -12.68 0.79
C PHE A 149 -16.39 -11.72 -0.38
N CYS A 150 -17.31 -11.73 -1.34
CA CYS A 150 -17.18 -10.95 -2.58
C CYS A 150 -18.24 -9.86 -2.65
N PHE A 151 -17.84 -8.66 -3.08
CA PHE A 151 -18.75 -7.54 -3.26
C PHE A 151 -19.10 -7.26 -4.72
N PHE A 152 -18.09 -7.09 -5.58
CA PHE A 152 -18.30 -6.93 -7.01
C PHE A 152 -17.57 -8.06 -7.74
N ASN A 153 -18.08 -8.44 -8.91
CA ASN A 153 -17.52 -9.60 -9.59
C ASN A 153 -16.35 -9.12 -10.46
N THR A 154 -15.19 -9.01 -9.83
CA THR A 154 -13.99 -8.50 -10.46
C THR A 154 -13.74 -9.15 -11.82
N ALA A 155 -13.74 -10.48 -11.89
CA ALA A 155 -13.45 -11.16 -13.14
C ALA A 155 -14.52 -10.90 -14.20
N ALA A 156 -15.80 -10.89 -13.81
CA ALA A 156 -16.84 -10.64 -14.81
C ALA A 156 -16.78 -9.21 -15.31
N LEU A 157 -16.59 -8.25 -14.41
CA LEU A 157 -16.40 -6.85 -14.80
C LEU A 157 -15.22 -6.69 -15.75
N THR A 158 -14.11 -7.39 -15.48
CA THR A 158 -12.94 -7.31 -16.35
C THR A 158 -13.25 -7.80 -17.76
N ALA A 159 -14.03 -8.88 -17.88
CA ALA A 159 -14.44 -9.35 -19.21
C ALA A 159 -15.26 -8.28 -19.94
N ARG A 160 -16.21 -7.67 -19.23
CA ARG A 160 -17.00 -6.63 -19.87
C ARG A 160 -16.14 -5.40 -20.16
N TYR A 161 -15.21 -5.08 -19.25
CA TYR A 161 -14.32 -3.96 -19.48
C TYR A 161 -13.46 -4.18 -20.72
N ALA A 162 -12.94 -5.40 -20.86
CA ALA A 162 -12.13 -5.75 -22.03
C ALA A 162 -12.91 -5.56 -23.32
N GLN A 163 -14.16 -6.02 -23.35
CA GLN A 163 -14.98 -5.86 -24.56
C GLN A 163 -15.23 -4.39 -24.86
N SER A 164 -15.38 -3.56 -23.82
CA SER A 164 -15.68 -2.15 -24.02
C SER A 164 -14.52 -1.36 -24.60
N ILE A 165 -13.28 -1.85 -24.47
CA ILE A 165 -12.15 -1.16 -25.08
C ILE A 165 -11.68 -1.86 -26.35
N THR A 166 -12.39 -2.88 -26.82
CA THR A 166 -12.03 -3.54 -28.07
C THR A 166 -13.27 -3.67 -28.95
N ARG A 167 -14.02 -4.75 -28.79
CA ARG A 167 -15.30 -4.89 -29.46
C ARG A 167 -16.18 -5.82 -28.64
N GLU A 168 -17.50 -5.65 -28.79
CA GLU A 168 -18.41 -6.43 -27.96
C GLU A 168 -18.29 -7.93 -28.20
N SER A 169 -17.82 -8.37 -29.38
CA SER A 169 -17.66 -9.79 -29.67
C SER A 169 -16.29 -10.35 -29.27
N LEU A 170 -15.47 -9.58 -28.57
CA LEU A 170 -14.22 -10.13 -28.05
C LEU A 170 -14.52 -11.38 -27.23
N ARG A 171 -13.91 -12.50 -27.62
CA ARG A 171 -14.10 -13.78 -26.96
C ARG A 171 -13.24 -13.84 -25.70
N VAL A 172 -13.90 -13.89 -24.55
CA VAL A 172 -13.23 -13.91 -23.25
C VAL A 172 -13.49 -15.28 -22.64
N LEU A 173 -12.43 -16.02 -22.36
CA LEU A 173 -12.55 -17.25 -21.58
C LEU A 173 -12.21 -16.95 -20.13
N ILE A 174 -13.11 -17.31 -19.23
CA ILE A 174 -12.88 -17.22 -17.78
C ILE A 174 -12.78 -18.64 -17.25
N VAL A 175 -11.62 -19.00 -16.73
CA VAL A 175 -11.41 -20.27 -16.04
C VAL A 175 -11.38 -19.99 -14.54
N ASP A 176 -12.27 -20.62 -13.82
CA ASP A 176 -12.44 -20.43 -12.39
C ASP A 176 -12.02 -21.73 -11.70
N TRP A 177 -10.79 -21.77 -11.20
CA TRP A 177 -10.31 -22.95 -10.50
C TRP A 177 -10.28 -22.77 -8.98
N ASP A 178 -10.86 -21.68 -8.47
CA ASP A 178 -11.24 -21.62 -7.06
C ASP A 178 -12.06 -22.86 -6.69
N VAL A 179 -11.89 -23.38 -5.47
CA VAL A 179 -12.55 -24.64 -5.10
C VAL A 179 -14.05 -24.46 -5.03
N HIS A 180 -14.53 -23.22 -4.92
CA HIS A 180 -15.95 -22.93 -4.87
C HIS A 180 -16.45 -22.52 -6.24
N HIS A 181 -17.73 -22.80 -6.50
CA HIS A 181 -18.36 -22.43 -7.77
C HIS A 181 -18.61 -20.93 -7.85
N GLY A 182 -18.14 -20.32 -8.94
CA GLY A 182 -18.35 -18.91 -9.19
C GLY A 182 -19.76 -18.64 -9.66
N ASN A 183 -20.70 -18.68 -8.72
CA ASN A 183 -22.11 -18.61 -9.07
C ASN A 183 -22.45 -17.28 -9.71
N GLY A 184 -21.85 -16.19 -9.22
CA GLY A 184 -22.13 -14.89 -9.81
C GLY A 184 -21.68 -14.82 -11.24
N THR A 185 -20.46 -15.30 -11.51
CA THR A 185 -19.93 -15.29 -12.88
C THR A 185 -20.84 -16.09 -13.80
N GLN A 186 -21.17 -17.33 -13.39
CA GLN A 186 -22.06 -18.18 -14.20
C GLN A 186 -23.33 -17.44 -14.61
N HIS A 187 -23.94 -16.73 -13.65
CA HIS A 187 -25.23 -16.08 -13.91
C HIS A 187 -25.08 -14.85 -14.78
N ILE A 188 -23.98 -14.09 -14.60
CA ILE A 188 -23.80 -12.90 -15.41
C ILE A 188 -23.64 -13.26 -16.88
N PHE A 189 -23.01 -14.39 -17.19
CA PHE A 189 -22.73 -14.74 -18.57
C PHE A 189 -23.56 -15.92 -19.07
N GLU A 190 -24.65 -16.26 -18.37
CA GLU A 190 -25.37 -17.50 -18.64
C GLU A 190 -26.02 -17.50 -20.03
N GLU A 191 -26.49 -16.35 -20.50
CA GLU A 191 -27.08 -16.25 -21.82
C GLU A 191 -26.11 -15.68 -22.86
N ASP A 192 -24.80 -15.92 -22.67
CA ASP A 192 -23.76 -15.26 -23.44
C ASP A 192 -22.83 -16.29 -24.10
N ASP A 193 -22.60 -16.14 -25.40
CA ASP A 193 -21.59 -16.94 -26.09
C ASP A 193 -20.34 -16.15 -26.41
N SER A 194 -20.23 -14.90 -25.95
CA SER A 194 -18.98 -14.15 -26.11
C SER A 194 -18.02 -14.38 -24.96
N VAL A 195 -18.50 -14.85 -23.81
CA VAL A 195 -17.68 -15.13 -22.64
C VAL A 195 -17.94 -16.57 -22.26
N LEU A 196 -16.91 -17.40 -22.33
CA LEU A 196 -17.01 -18.81 -22.00
C LEU A 196 -16.58 -18.99 -20.55
N TYR A 197 -17.47 -19.55 -19.73
CA TYR A 197 -17.22 -19.71 -18.30
C TYR A 197 -17.01 -21.18 -17.98
N ILE A 198 -15.81 -21.51 -17.48
CA ILE A 198 -15.45 -22.87 -17.09
C ILE A 198 -15.02 -22.86 -15.64
N SER A 199 -15.73 -23.62 -14.80
CA SER A 199 -15.44 -23.70 -13.38
C SER A 199 -15.18 -25.14 -12.99
N LEU A 200 -14.12 -25.36 -12.22
CA LEU A 200 -13.90 -26.61 -11.50
C LEU A 200 -14.10 -26.33 -10.02
N HIS A 201 -14.86 -27.18 -9.32
CA HIS A 201 -15.26 -26.88 -7.95
C HIS A 201 -15.72 -28.13 -7.22
N ARG A 202 -15.41 -28.19 -5.94
CA ARG A 202 -16.03 -29.15 -5.04
C ARG A 202 -17.52 -28.92 -5.00
N TYR A 203 -18.29 -30.00 -5.13
CA TYR A 203 -19.74 -29.88 -5.29
C TYR A 203 -20.48 -30.70 -4.24
N GLU A 204 -20.09 -31.97 -4.10
CA GLU A 204 -20.67 -32.88 -3.11
C GLU A 204 -22.19 -32.89 -3.19
N ASP A 205 -22.67 -33.14 -4.41
CA ASP A 205 -24.09 -33.22 -4.69
C ASP A 205 -24.85 -32.01 -4.18
N GLY A 206 -24.17 -30.87 -4.16
CA GLY A 206 -24.80 -29.62 -3.79
C GLY A 206 -24.66 -29.23 -2.35
N ALA A 207 -23.92 -30.00 -1.55
CA ALA A 207 -23.79 -29.72 -0.12
C ALA A 207 -22.64 -28.77 0.21
N PHE A 208 -21.71 -28.57 -0.71
CA PHE A 208 -20.61 -27.64 -0.51
C PHE A 208 -21.00 -26.23 -0.97
N PHE A 209 -20.44 -25.23 -0.29
CA PHE A 209 -20.73 -23.84 -0.60
C PHE A 209 -20.39 -23.55 -2.06
N PRO A 210 -21.26 -22.84 -2.83
CA PRO A 210 -22.45 -22.06 -2.42
C PRO A 210 -23.75 -22.84 -2.32
N ASN A 211 -23.74 -24.18 -2.36
CA ASN A 211 -24.90 -25.00 -2.01
C ASN A 211 -26.02 -24.90 -3.04
N SER A 212 -25.69 -24.79 -4.32
CA SER A 212 -26.71 -24.70 -5.35
C SER A 212 -26.46 -25.74 -6.43
N GLU A 213 -27.56 -26.36 -6.89
CA GLU A 213 -27.55 -27.20 -8.08
C GLU A 213 -27.18 -26.45 -9.34
N ASP A 214 -27.19 -25.12 -9.31
CA ASP A 214 -26.68 -24.32 -10.43
C ASP A 214 -25.30 -24.77 -10.87
N ALA A 215 -24.52 -25.35 -9.96
CA ALA A 215 -23.12 -25.69 -10.17
C ALA A 215 -22.91 -27.09 -10.74
N ASN A 216 -24.00 -27.80 -11.09
CA ASN A 216 -23.91 -29.16 -11.62
C ASN A 216 -23.51 -29.15 -13.10
N TYR A 217 -23.12 -30.33 -13.59
CA TYR A 217 -22.61 -30.46 -14.97
C TYR A 217 -23.68 -30.25 -16.02
N ASP A 218 -24.96 -30.36 -15.66
CA ASP A 218 -26.05 -30.23 -16.63
C ASP A 218 -26.45 -28.78 -16.83
N LYS A 219 -25.86 -27.85 -16.09
CA LYS A 219 -26.09 -26.44 -16.34
C LYS A 219 -25.07 -26.01 -17.39
N VAL A 220 -25.51 -26.02 -18.66
CA VAL A 220 -24.64 -25.79 -19.80
C VAL A 220 -24.79 -24.39 -20.41
N GLY A 221 -25.64 -23.54 -19.84
CA GLY A 221 -25.91 -22.23 -20.41
C GLY A 221 -27.33 -22.14 -20.97
N LEU A 222 -27.75 -20.91 -21.22
CA LEU A 222 -29.12 -20.59 -21.63
C LEU A 222 -29.14 -19.85 -22.94
N GLY A 223 -30.10 -20.19 -23.80
CA GLY A 223 -30.26 -19.45 -25.05
C GLY A 223 -29.08 -19.71 -25.97
N LYS A 224 -28.55 -18.63 -26.55
CA LYS A 224 -27.33 -18.73 -27.36
C LYS A 224 -26.08 -18.98 -26.51
N GLY A 225 -26.20 -19.00 -25.20
CA GLY A 225 -25.12 -19.40 -24.32
C GLY A 225 -25.06 -20.88 -24.07
N ARG A 226 -26.03 -21.63 -24.60
CA ARG A 226 -26.00 -23.08 -24.49
C ARG A 226 -24.66 -23.61 -24.98
N GLY A 227 -23.94 -24.28 -24.08
CA GLY A 227 -22.61 -24.76 -24.34
C GLY A 227 -21.49 -23.85 -23.86
N TYR A 228 -21.80 -22.61 -23.48
CA TYR A 228 -20.72 -21.70 -23.10
C TYR A 228 -20.57 -21.57 -21.59
N ASN A 229 -21.17 -22.48 -20.81
CA ASN A 229 -21.02 -22.50 -19.36
C ASN A 229 -20.65 -23.93 -18.96
N VAL A 230 -19.42 -24.14 -18.52
CA VAL A 230 -18.92 -25.50 -18.33
C VAL A 230 -18.65 -25.71 -16.84
N ASN A 231 -19.48 -26.53 -16.20
CA ASN A 231 -19.34 -26.83 -14.78
C ASN A 231 -18.70 -28.21 -14.60
N ILE A 232 -17.57 -28.24 -13.88
CA ILE A 232 -16.88 -29.50 -13.58
C ILE A 232 -16.93 -29.73 -12.08
N PRO A 233 -17.96 -30.44 -11.60
CA PRO A 233 -18.14 -30.59 -10.14
C PRO A 233 -17.53 -31.86 -9.57
N TRP A 234 -16.85 -31.75 -8.43
CA TRP A 234 -16.17 -32.88 -7.79
C TRP A 234 -17.01 -33.38 -6.62
N ASN A 235 -17.15 -34.69 -6.53
CA ASN A 235 -17.94 -35.35 -5.50
C ASN A 235 -17.13 -36.50 -4.92
N GLY A 236 -17.27 -36.69 -3.61
CA GLY A 236 -16.68 -37.83 -2.93
C GLY A 236 -15.23 -38.10 -3.28
N GLY A 237 -14.34 -37.25 -2.79
CA GLY A 237 -12.92 -37.46 -2.98
C GLY A 237 -12.11 -36.21 -2.71
N LYS A 238 -10.90 -36.36 -2.18
CA LYS A 238 -10.01 -35.24 -1.91
C LYS A 238 -9.16 -35.06 -3.16
N MET A 239 -9.63 -34.22 -4.07
CA MET A 239 -9.04 -34.14 -5.39
C MET A 239 -7.70 -33.42 -5.33
N GLY A 240 -6.87 -33.66 -6.35
CA GLY A 240 -5.56 -33.05 -6.44
C GLY A 240 -5.09 -32.93 -7.89
N ASP A 241 -3.77 -32.88 -8.08
CA ASP A 241 -3.20 -32.68 -9.41
C ASP A 241 -3.65 -33.69 -10.47
N PRO A 242 -3.73 -35.01 -10.19
CA PRO A 242 -4.20 -35.91 -11.27
C PRO A 242 -5.61 -35.58 -11.74
N GLU A 243 -6.50 -35.26 -10.80
CA GLU A 243 -7.88 -34.94 -11.17
C GLU A 243 -7.96 -33.64 -11.95
N TYR A 244 -7.20 -32.62 -11.55
CA TYR A 244 -7.26 -31.35 -12.27
C TYR A 244 -6.56 -31.45 -13.61
N MET A 245 -5.40 -32.11 -13.64
CA MET A 245 -4.72 -32.41 -14.91
C MET A 245 -5.68 -33.08 -15.88
N ALA A 246 -6.37 -34.13 -15.43
CA ALA A 246 -7.25 -34.89 -16.31
C ALA A 246 -8.43 -34.05 -16.81
N ALA A 247 -9.01 -33.23 -15.93
CA ALA A 247 -10.10 -32.35 -16.35
C ALA A 247 -9.63 -31.32 -17.37
N PHE A 248 -8.39 -30.86 -17.25
CA PHE A 248 -7.85 -29.95 -18.25
C PHE A 248 -7.60 -30.67 -19.57
N HIS A 249 -7.06 -31.89 -19.52
CA HIS A 249 -6.79 -32.61 -20.75
C HIS A 249 -8.07 -32.97 -21.48
N HIS A 250 -9.09 -33.43 -20.75
CA HIS A 250 -10.32 -33.94 -21.37
C HIS A 250 -11.36 -32.85 -21.65
N LEU A 251 -11.31 -31.73 -20.95
CA LEU A 251 -12.44 -30.81 -21.04
C LEU A 251 -12.01 -29.37 -21.23
N VAL A 252 -11.21 -28.86 -20.30
CA VAL A 252 -10.93 -27.43 -20.28
C VAL A 252 -10.22 -27.02 -21.56
N MET A 253 -9.09 -27.67 -21.86
CA MET A 253 -8.24 -27.29 -22.98
C MET A 253 -8.85 -27.64 -24.36
N PRO A 254 -9.47 -28.82 -24.55
CA PRO A 254 -10.21 -29.02 -25.83
C PRO A 254 -11.32 -28.01 -26.08
N ILE A 255 -12.16 -27.69 -25.09
CA ILE A 255 -13.22 -26.71 -25.35
C ILE A 255 -12.63 -25.33 -25.58
N ALA A 256 -11.67 -24.92 -24.75
CA ALA A 256 -11.10 -23.58 -24.86
C ALA A 256 -10.44 -23.38 -26.21
N ARG A 257 -9.72 -24.39 -26.70
CA ARG A 257 -9.09 -24.27 -28.01
C ARG A 257 -10.13 -24.06 -29.09
N GLU A 258 -11.27 -24.76 -29.00
CA GLU A 258 -12.33 -24.59 -29.98
C GLU A 258 -12.98 -23.21 -29.88
N PHE A 259 -13.16 -22.71 -28.66
CA PHE A 259 -13.71 -21.37 -28.46
C PHE A 259 -12.79 -20.31 -29.07
N ALA A 260 -11.46 -20.55 -29.02
CA ALA A 260 -10.38 -19.67 -29.49
C ALA A 260 -10.45 -18.30 -28.84
N PRO A 261 -10.31 -18.21 -27.51
CA PRO A 261 -10.46 -16.92 -26.83
C PRO A 261 -9.39 -15.92 -27.27
N GLU A 262 -9.71 -14.63 -27.18
CA GLU A 262 -8.72 -13.59 -27.41
C GLU A 262 -8.15 -13.01 -26.13
N LEU A 263 -8.61 -13.47 -24.98
CA LEU A 263 -7.96 -13.18 -23.71
C LEU A 263 -8.47 -14.19 -22.69
N VAL A 264 -7.59 -14.61 -21.80
CA VAL A 264 -7.92 -15.60 -20.79
C VAL A 264 -7.87 -14.91 -19.42
N LEU A 265 -9.01 -14.90 -18.73
CA LEU A 265 -9.06 -14.48 -17.33
C LEU A 265 -9.10 -15.73 -16.47
N VAL A 266 -8.21 -15.82 -15.49
CA VAL A 266 -8.27 -16.91 -14.53
C VAL A 266 -8.84 -16.35 -13.23
N SER A 267 -10.00 -16.87 -12.81
CA SER A 267 -10.49 -16.63 -11.46
C SER A 267 -9.69 -17.59 -10.59
N ALA A 268 -8.52 -17.13 -10.18
CA ALA A 268 -7.48 -17.99 -9.60
C ALA A 268 -7.61 -17.95 -8.09
N GLY A 269 -8.61 -18.68 -7.59
CA GLY A 269 -8.62 -19.04 -6.20
C GLY A 269 -7.63 -20.16 -5.95
N PHE A 270 -7.01 -20.13 -4.79
CA PHE A 270 -6.05 -21.17 -4.44
C PHE A 270 -6.52 -21.93 -3.21
N ASP A 271 -7.85 -22.05 -3.05
CA ASP A 271 -8.43 -22.82 -1.96
C ASP A 271 -8.67 -24.28 -2.32
N ALA A 272 -8.35 -24.71 -3.54
CA ALA A 272 -8.21 -26.14 -3.83
C ALA A 272 -6.82 -26.64 -3.51
N ALA A 273 -5.97 -25.80 -2.92
CA ALA A 273 -4.58 -26.14 -2.65
C ALA A 273 -4.45 -27.06 -1.46
N ARG A 274 -3.42 -27.91 -1.52
CA ARG A 274 -2.96 -28.65 -0.34
C ARG A 274 -2.77 -27.68 0.82
N GLY A 275 -3.40 -27.99 1.95
CA GLY A 275 -3.28 -27.19 3.15
C GLY A 275 -4.37 -26.16 3.37
N ASP A 276 -5.26 -25.96 2.40
CA ASP A 276 -6.32 -24.97 2.58
C ASP A 276 -7.31 -25.40 3.67
N PRO A 277 -7.69 -24.51 4.58
CA PRO A 277 -8.67 -24.87 5.61
C PRO A 277 -10.12 -24.97 5.15
N LEU A 278 -10.50 -24.40 4.00
CA LEU A 278 -11.87 -24.45 3.49
C LEU A 278 -12.07 -25.51 2.41
N GLY A 279 -11.07 -25.71 1.56
CA GLY A 279 -11.27 -26.53 0.38
C GLY A 279 -11.21 -28.02 0.68
N GLY A 280 -10.20 -28.43 1.45
CA GLY A 280 -10.02 -29.85 1.74
C GLY A 280 -9.44 -30.64 0.59
N PHE A 281 -8.88 -29.97 -0.41
CA PHE A 281 -8.33 -30.62 -1.59
C PHE A 281 -6.81 -30.56 -1.49
N GLN A 282 -6.12 -31.06 -2.53
CA GLN A 282 -4.67 -31.19 -2.42
C GLN A 282 -3.97 -30.87 -3.73
N VAL A 283 -4.43 -29.86 -4.47
CA VAL A 283 -3.63 -29.38 -5.60
C VAL A 283 -2.33 -28.79 -5.05
N THR A 284 -1.22 -29.13 -5.70
CA THR A 284 0.10 -28.69 -5.27
C THR A 284 0.47 -27.39 -5.99
N PRO A 285 1.50 -26.68 -5.53
CA PRO A 285 1.97 -25.52 -6.31
C PRO A 285 2.45 -25.90 -7.70
N GLU A 286 3.03 -27.10 -7.85
CA GLU A 286 3.46 -27.55 -9.16
C GLU A 286 2.27 -27.80 -10.08
N GLY A 287 1.15 -28.28 -9.50
CA GLY A 287 -0.06 -28.45 -10.29
C GLY A 287 -0.60 -27.13 -10.81
N TYR A 288 -0.64 -26.10 -9.96
CA TYR A 288 -1.07 -24.79 -10.43
C TYR A 288 -0.14 -24.28 -11.54
N ALA A 289 1.15 -24.55 -11.43
CA ALA A 289 2.04 -24.16 -12.52
C ALA A 289 1.64 -24.83 -13.83
N HIS A 290 1.29 -26.13 -13.77
CA HIS A 290 0.95 -26.84 -15.01
C HIS A 290 -0.38 -26.34 -15.58
N LEU A 291 -1.37 -26.06 -14.73
CA LEU A 291 -2.61 -25.47 -15.23
C LEU A 291 -2.37 -24.11 -15.87
N THR A 292 -1.50 -23.29 -15.29
CA THR A 292 -1.18 -22.01 -15.92
C THR A 292 -0.47 -22.20 -17.24
N HIS A 293 0.50 -23.11 -17.27
CA HIS A 293 1.29 -23.35 -18.48
C HIS A 293 0.39 -23.83 -19.62
N GLN A 294 -0.62 -24.64 -19.32
CA GLN A 294 -1.57 -25.05 -20.34
C GLN A 294 -2.38 -23.87 -20.86
N LEU A 295 -2.89 -23.03 -19.95
CA LEU A 295 -3.70 -21.88 -20.38
C LEU A 295 -2.88 -20.90 -21.22
N MET A 296 -1.56 -20.83 -21.00
CA MET A 296 -0.78 -19.91 -21.80
C MET A 296 -0.69 -20.30 -23.27
N SER A 297 -1.14 -21.48 -23.66
CA SER A 297 -1.15 -21.80 -25.09
C SER A 297 -2.37 -21.25 -25.80
N LEU A 298 -3.28 -20.60 -25.07
CA LEU A 298 -4.44 -19.97 -25.67
C LEU A 298 -4.17 -18.47 -25.82
N ALA A 299 -4.91 -17.86 -26.73
CA ALA A 299 -4.98 -16.41 -26.89
C ALA A 299 -3.61 -15.79 -27.10
N ALA A 300 -2.66 -16.57 -27.62
CA ALA A 300 -1.27 -16.16 -27.78
C ALA A 300 -0.70 -15.66 -26.46
N GLY A 301 -1.02 -16.39 -25.39
CA GLY A 301 -0.48 -16.12 -24.07
C GLY A 301 -1.07 -14.92 -23.35
N ARG A 302 -2.19 -14.38 -23.81
CA ARG A 302 -2.80 -13.22 -23.18
C ARG A 302 -3.65 -13.71 -22.02
N VAL A 303 -3.01 -13.88 -20.87
CA VAL A 303 -3.62 -14.47 -19.68
C VAL A 303 -3.51 -13.47 -18.53
N LEU A 304 -4.62 -13.21 -17.85
CA LEU A 304 -4.65 -12.38 -16.65
C LEU A 304 -5.10 -13.26 -15.48
N ILE A 305 -4.18 -13.50 -14.54
CA ILE A 305 -4.45 -14.33 -13.37
C ILE A 305 -4.96 -13.43 -12.24
N ILE A 306 -6.21 -13.62 -11.84
CA ILE A 306 -6.84 -12.77 -10.82
C ILE A 306 -7.04 -13.59 -9.54
N LEU A 307 -6.51 -13.08 -8.42
CA LEU A 307 -6.68 -13.76 -7.15
C LEU A 307 -8.15 -13.78 -6.74
N GLU A 308 -8.65 -14.96 -6.41
CA GLU A 308 -9.98 -15.08 -5.82
C GLU A 308 -9.81 -15.52 -4.38
N GLY A 309 -10.23 -16.76 -4.05
CA GLY A 309 -10.07 -17.31 -2.72
C GLY A 309 -8.70 -17.90 -2.46
N GLY A 310 -8.63 -18.74 -1.43
CA GLY A 310 -7.36 -19.30 -0.98
C GLY A 310 -6.93 -18.77 0.36
N TYR A 311 -6.88 -19.65 1.37
CA TYR A 311 -6.90 -19.18 2.76
C TYR A 311 -5.80 -19.74 3.64
N ASN A 312 -4.89 -20.55 3.09
CA ASN A 312 -3.66 -20.92 3.76
C ASN A 312 -2.57 -20.00 3.19
N LEU A 313 -2.04 -19.11 4.04
CA LEU A 313 -1.14 -18.06 3.57
C LEU A 313 0.09 -18.62 2.87
N THR A 314 0.66 -19.72 3.40
CA THR A 314 1.81 -20.33 2.75
C THR A 314 1.41 -20.99 1.43
N SER A 315 0.28 -21.69 1.41
CA SER A 315 -0.12 -22.38 0.19
C SER A 315 -0.44 -21.40 -0.93
N ILE A 316 -1.20 -20.33 -0.64
CA ILE A 316 -1.51 -19.38 -1.69
C ILE A 316 -0.27 -18.62 -2.13
N SER A 317 0.68 -18.36 -1.23
CA SER A 317 1.84 -17.59 -1.63
C SER A 317 2.73 -18.39 -2.57
N GLU A 318 2.98 -19.67 -2.25
CA GLU A 318 3.72 -20.54 -3.14
C GLU A 318 2.97 -20.79 -4.45
N SER A 319 1.64 -21.02 -4.38
CA SER A 319 0.90 -21.41 -5.57
C SER A 319 0.80 -20.28 -6.57
N MET A 320 0.47 -19.06 -6.11
CA MET A 320 0.33 -17.96 -7.04
C MET A 320 1.68 -17.56 -7.63
N SER A 321 2.74 -17.62 -6.82
CA SER A 321 4.08 -17.33 -7.34
C SER A 321 4.47 -18.28 -8.46
N MET A 322 4.06 -19.55 -8.36
CA MET A 322 4.35 -20.51 -9.43
C MET A 322 3.59 -20.16 -10.71
N CYS A 323 2.35 -19.68 -10.58
CA CYS A 323 1.61 -19.23 -11.73
C CYS A 323 2.31 -18.06 -12.42
N THR A 324 2.78 -17.10 -11.62
CA THR A 324 3.54 -15.97 -12.16
C THR A 324 4.83 -16.44 -12.83
N SER A 325 5.56 -17.34 -12.19
CA SER A 325 6.74 -17.94 -12.80
C SER A 325 6.42 -18.50 -14.18
N MET A 326 5.25 -19.14 -14.33
CA MET A 326 4.84 -19.67 -15.61
C MET A 326 4.58 -18.55 -16.61
N LEU A 327 3.89 -17.49 -16.17
CA LEU A 327 3.64 -16.34 -17.05
C LEU A 327 4.92 -15.73 -17.59
N LEU A 328 6.00 -15.78 -16.82
CA LEU A 328 7.27 -15.21 -17.27
C LEU A 328 7.98 -16.08 -18.29
N GLY A 329 7.51 -17.30 -18.52
CA GLY A 329 8.13 -18.18 -19.49
C GLY A 329 9.00 -19.26 -18.91
N ASP A 330 8.99 -19.43 -17.58
CA ASP A 330 9.74 -20.52 -16.97
C ASP A 330 9.12 -21.85 -17.34
N SER A 331 9.97 -22.86 -17.48
CA SER A 331 9.47 -24.20 -17.77
C SER A 331 8.77 -24.77 -16.54
N PRO A 332 7.70 -25.56 -16.73
CA PRO A 332 6.95 -26.06 -15.57
C PRO A 332 7.78 -27.04 -14.76
N PRO A 333 7.58 -27.11 -13.46
CA PRO A 333 8.29 -28.09 -12.64
C PRO A 333 7.67 -29.47 -12.80
N SER A 334 8.45 -30.48 -12.43
CA SER A 334 8.03 -31.86 -12.62
C SER A 334 6.84 -32.19 -11.72
N LEU A 335 5.82 -32.84 -12.30
CA LEU A 335 4.68 -33.30 -11.51
C LEU A 335 4.95 -34.69 -10.96
N LEU A 341 -5.67 -41.85 -10.30
CA LEU A 341 -6.86 -41.03 -10.53
C LEU A 341 -8.02 -41.52 -9.66
N LYS A 342 -8.66 -40.62 -8.92
CA LYS A 342 -9.80 -41.05 -8.10
C LYS A 342 -10.97 -41.41 -9.00
N THR A 343 -11.64 -42.52 -8.66
CA THR A 343 -12.67 -43.09 -9.54
C THR A 343 -13.84 -42.15 -9.72
N SER A 344 -14.27 -41.50 -8.64
CA SER A 344 -15.34 -40.52 -8.73
C SER A 344 -14.95 -39.29 -9.56
N ALA A 345 -13.66 -39.01 -9.74
CA ALA A 345 -13.28 -37.91 -10.62
C ALA A 345 -13.49 -38.27 -12.07
N THR A 346 -13.35 -39.54 -12.42
CA THR A 346 -13.68 -40.00 -13.77
C THR A 346 -15.18 -39.87 -14.03
N VAL A 347 -16.01 -40.20 -13.04
CA VAL A 347 -17.45 -40.07 -13.23
C VAL A 347 -17.81 -38.63 -13.56
N SER A 348 -17.23 -37.68 -12.81
CA SER A 348 -17.49 -36.26 -13.03
C SER A 348 -17.11 -35.86 -14.46
N ILE A 349 -15.87 -36.15 -14.85
CA ILE A 349 -15.39 -35.74 -16.18
C ILE A 349 -16.29 -36.33 -17.27
N ASN A 350 -16.66 -37.61 -17.13
CA ASN A 350 -17.52 -38.23 -18.12
C ASN A 350 -18.90 -37.58 -18.16
N ASN A 351 -19.42 -37.17 -17.01
CA ASN A 351 -20.72 -36.49 -16.98
C ASN A 351 -20.67 -35.14 -17.69
N VAL A 352 -19.60 -34.37 -17.51
CA VAL A 352 -19.47 -33.09 -18.20
C VAL A 352 -19.29 -33.31 -19.70
N LEU A 353 -18.52 -34.32 -20.08
CA LEU A 353 -18.33 -34.66 -21.49
C LEU A 353 -19.65 -34.97 -22.16
N ARG A 354 -20.51 -35.75 -21.51
CA ARG A 354 -21.80 -36.06 -22.13
C ARG A 354 -22.66 -34.82 -22.26
N ALA A 355 -22.61 -33.93 -21.27
CA ALA A 355 -23.47 -32.76 -21.32
C ALA A 355 -23.03 -31.78 -22.40
N HIS A 356 -21.74 -31.77 -22.75
CA HIS A 356 -21.21 -30.74 -23.63
C HIS A 356 -20.78 -31.24 -25.00
N ALA A 357 -20.61 -32.56 -25.19
CA ALA A 357 -20.43 -33.08 -26.54
C ALA A 357 -21.38 -32.50 -27.59
N PRO A 358 -22.67 -32.23 -27.32
CA PRO A 358 -23.54 -31.62 -28.34
C PRO A 358 -23.12 -30.24 -28.88
N PHE A 359 -22.31 -29.44 -28.17
CA PHE A 359 -21.94 -28.10 -28.66
C PHE A 359 -20.46 -27.96 -29.00
N TRP A 360 -19.63 -28.98 -28.75
CA TRP A 360 -18.18 -28.89 -28.94
C TRP A 360 -17.69 -30.12 -29.71
N SER A 361 -17.36 -29.93 -30.99
CA SER A 361 -16.95 -31.05 -31.84
C SER A 361 -15.63 -31.66 -31.39
N SER A 362 -14.79 -30.88 -30.71
CA SER A 362 -13.61 -31.41 -30.04
C SER A 362 -13.95 -32.49 -29.03
N LEU A 363 -15.20 -32.55 -28.57
CA LEU A 363 -15.61 -33.52 -27.57
C LEU A 363 -16.27 -34.69 -28.29
N PRO B 8 9.89 40.85 9.88
CA PRO B 8 9.10 39.63 9.90
C PRO B 8 8.92 39.04 8.50
N ILE B 9 9.97 38.39 8.01
CA ILE B 9 10.00 37.77 6.68
C ILE B 9 9.99 36.26 6.86
N THR B 10 9.25 35.58 5.99
CA THR B 10 9.24 34.12 5.91
C THR B 10 9.97 33.71 4.64
N GLY B 11 10.95 32.82 4.78
CA GLY B 11 11.67 32.30 3.64
C GLY B 11 11.00 31.04 3.11
N LEU B 12 11.19 30.79 1.81
CA LEU B 12 10.74 29.53 1.22
C LEU B 12 11.81 29.02 0.26
N VAL B 13 12.12 27.73 0.34
CA VAL B 13 13.04 27.10 -0.60
C VAL B 13 12.35 25.89 -1.24
N TYR B 14 12.45 25.81 -2.57
CA TYR B 14 11.87 24.74 -3.36
C TYR B 14 12.71 24.67 -4.62
N ASP B 15 13.04 23.46 -5.05
CA ASP B 15 13.77 23.32 -6.31
C ASP B 15 13.31 22.06 -7.03
N GLN B 16 12.77 22.25 -8.23
CA GLN B 16 12.22 21.12 -8.97
C GLN B 16 13.27 20.10 -9.35
N ARG B 17 14.56 20.42 -9.25
CA ARG B 17 15.59 19.42 -9.48
C ARG B 17 15.46 18.26 -8.49
N MET B 18 14.91 18.49 -7.30
CA MET B 18 14.71 17.40 -6.35
C MET B 18 13.61 16.43 -6.79
N MET B 19 12.84 16.74 -7.83
CA MET B 19 11.91 15.78 -8.41
C MET B 19 12.60 14.62 -9.14
N LEU B 20 13.91 14.71 -9.42
CA LEU B 20 14.52 13.73 -10.33
C LEU B 20 14.76 12.38 -9.67
N HIS B 21 14.97 12.35 -8.36
CA HIS B 21 14.99 11.10 -7.60
C HIS B 21 13.67 10.36 -7.82
N HIS B 22 13.73 9.12 -8.33
CA HIS B 22 12.51 8.40 -8.63
C HIS B 22 12.76 6.90 -8.46
N ASN B 23 11.67 6.16 -8.40
CA ASN B 23 11.69 4.72 -8.24
C ASN B 23 11.53 4.11 -9.62
N MET B 24 12.61 3.49 -10.13
CA MET B 24 12.62 3.02 -11.51
C MET B 24 11.74 1.80 -11.71
N TRP B 25 11.51 1.02 -10.66
CA TRP B 25 10.67 -0.17 -10.84
C TRP B 25 9.19 0.12 -10.59
N ASP B 26 8.87 1.02 -9.68
CA ASP B 26 7.51 1.33 -9.28
C ASP B 26 7.33 2.85 -9.37
N SER B 27 6.78 3.33 -10.49
CA SER B 27 6.67 4.78 -10.66
C SER B 27 5.53 5.39 -9.84
N HIS B 28 4.69 4.58 -9.22
CA HIS B 28 3.63 5.07 -8.34
C HIS B 28 3.97 4.85 -6.88
N HIS B 29 5.23 4.56 -6.56
CA HIS B 29 5.64 4.43 -5.17
C HIS B 29 5.34 5.72 -4.42
N PRO B 30 4.88 5.65 -3.15
CA PRO B 30 4.36 6.85 -2.50
C PRO B 30 5.37 7.99 -2.31
N GLU B 31 6.69 7.72 -2.27
CA GLU B 31 7.66 8.82 -2.15
C GLU B 31 7.94 9.36 -3.56
N LEU B 32 6.95 10.09 -4.09
CA LEU B 32 6.74 10.55 -5.45
C LEU B 32 7.40 11.90 -5.70
N PRO B 33 8.04 12.06 -6.86
CA PRO B 33 8.51 13.40 -7.28
C PRO B 33 7.48 14.49 -7.10
N GLN B 34 6.21 14.20 -7.41
CA GLN B 34 5.16 15.20 -7.37
C GLN B 34 4.74 15.60 -5.96
N ARG B 35 5.30 15.00 -4.90
CA ARG B 35 5.01 15.50 -3.56
C ARG B 35 5.44 16.97 -3.42
N ILE B 36 6.63 17.32 -3.90
CA ILE B 36 7.11 18.69 -3.65
C ILE B 36 6.50 19.66 -4.64
N SER B 37 6.22 19.21 -5.85
CA SER B 37 5.63 20.13 -6.82
C SER B 37 4.16 20.39 -6.49
N ARG B 38 3.46 19.41 -5.91
CA ARG B 38 2.07 19.65 -5.49
C ARG B 38 2.02 20.61 -4.32
N ILE B 39 2.93 20.46 -3.36
CA ILE B 39 2.98 21.38 -2.23
C ILE B 39 3.30 22.78 -2.72
N PHE B 40 4.29 22.88 -3.61
CA PHE B 40 4.64 24.18 -4.19
C PHE B 40 3.45 24.79 -4.92
N SER B 41 2.78 24.00 -5.78
CA SER B 41 1.65 24.51 -6.53
C SER B 41 0.52 25.01 -5.60
N ARG B 42 0.29 24.31 -4.49
CA ARG B 42 -0.74 24.73 -3.54
C ARG B 42 -0.37 26.06 -2.87
N HIS B 43 0.91 26.26 -2.53
CA HIS B 43 1.36 27.56 -2.03
C HIS B 43 1.08 28.68 -3.03
N GLU B 44 1.30 28.42 -4.32
CA GLU B 44 0.97 29.42 -5.33
C GLU B 44 -0.53 29.63 -5.42
N GLU B 45 -1.32 28.56 -5.36
CA GLU B 45 -2.77 28.69 -5.44
C GLU B 45 -3.31 29.50 -4.28
N LEU B 46 -2.73 29.34 -3.08
CA LEU B 46 -3.18 30.05 -1.90
C LEU B 46 -2.52 31.42 -1.74
N ARG B 47 -1.76 31.86 -2.74
CA ARG B 47 -1.09 33.18 -2.73
C ARG B 47 -0.08 33.32 -1.60
N LEU B 48 0.42 32.20 -1.08
CA LEU B 48 1.44 32.25 -0.04
C LEU B 48 2.82 32.49 -0.62
N LEU B 49 3.08 31.92 -1.81
CA LEU B 49 4.39 32.05 -2.45
C LEU B 49 4.84 33.50 -2.56
N SER B 50 3.97 34.37 -3.09
CA SER B 50 4.34 35.76 -3.32
C SER B 50 4.60 36.51 -2.02
N ARG B 51 4.12 35.98 -0.89
CA ARG B 51 4.34 36.58 0.41
C ARG B 51 5.64 36.11 1.07
N CYS B 52 6.33 35.13 0.49
CA CYS B 52 7.58 34.61 1.03
C CYS B 52 8.78 35.19 0.30
N HIS B 53 9.93 35.19 0.97
CA HIS B 53 11.22 35.46 0.35
C HIS B 53 11.79 34.14 -0.17
N ARG B 54 12.03 34.06 -1.47
CA ARG B 54 12.56 32.82 -2.05
C ARG B 54 14.04 32.67 -1.68
N ILE B 55 14.38 31.54 -1.06
CA ILE B 55 15.76 31.22 -0.69
C ILE B 55 16.27 30.18 -1.67
N PRO B 56 17.49 30.34 -2.19
CA PRO B 56 17.97 29.39 -3.20
C PRO B 56 18.36 28.04 -2.59
N ALA B 57 18.10 26.97 -3.33
CA ALA B 57 18.68 25.68 -3.00
C ALA B 57 20.15 25.65 -3.39
N ARG B 58 20.91 24.80 -2.70
CA ARG B 58 22.28 24.50 -3.12
C ARG B 58 22.59 23.06 -2.75
N LEU B 59 23.67 22.53 -3.32
CA LEU B 59 24.20 21.24 -2.91
C LEU B 59 24.87 21.37 -1.55
N ALA B 60 24.59 20.45 -0.64
CA ALA B 60 25.48 20.25 0.49
C ALA B 60 26.83 19.79 -0.03
N THR B 61 27.91 20.16 0.67
CA THR B 61 29.23 19.62 0.36
C THR B 61 29.44 18.29 1.10
N GLU B 62 30.38 17.49 0.61
CA GLU B 62 30.73 16.27 1.32
C GLU B 62 31.25 16.57 2.72
N GLU B 63 31.96 17.69 2.88
CA GLU B 63 32.44 18.06 4.22
C GLU B 63 31.27 18.36 5.14
N GLU B 64 30.19 18.95 4.61
CA GLU B 64 29.02 19.19 5.42
C GLU B 64 28.29 17.89 5.76
N LEU B 65 28.28 16.93 4.83
CA LEU B 65 27.68 15.63 5.14
C LEU B 65 28.42 14.93 6.27
N ALA B 66 29.73 15.15 6.39
CA ALA B 66 30.53 14.50 7.43
C ALA B 66 30.26 15.07 8.82
N LEU B 67 29.49 16.15 8.94
CA LEU B 67 29.03 16.59 10.26
C LEU B 67 28.24 15.50 10.95
N CYS B 68 27.58 14.63 10.19
CA CYS B 68 26.70 13.63 10.78
C CYS B 68 26.96 12.21 10.29
N HIS B 69 27.50 12.07 9.09
CA HIS B 69 27.58 10.77 8.44
C HIS B 69 29.02 10.34 8.25
N SER B 70 29.22 9.01 8.21
CA SER B 70 30.54 8.45 8.02
C SER B 70 30.98 8.57 6.57
N SER B 71 32.30 8.60 6.34
CA SER B 71 32.78 8.75 4.97
C SER B 71 32.46 7.53 4.12
N LYS B 72 32.35 6.35 4.74
CA LYS B 72 31.90 5.18 3.99
C LYS B 72 30.48 5.37 3.45
N HIS B 73 29.56 5.80 4.31
CA HIS B 73 28.18 6.01 3.88
C HIS B 73 28.11 7.05 2.77
N ILE B 74 28.79 8.19 2.96
CA ILE B 74 28.84 9.23 1.95
C ILE B 74 29.35 8.68 0.62
N SER B 75 30.45 7.92 0.66
CA SER B 75 31.03 7.45 -0.60
C SER B 75 30.13 6.43 -1.30
N ILE B 76 29.41 5.60 -0.55
CA ILE B 76 28.55 4.59 -1.18
C ILE B 76 27.37 5.26 -1.89
N ILE B 77 26.71 6.20 -1.23
CA ILE B 77 25.60 6.90 -1.87
C ILE B 77 26.10 7.72 -3.05
N LYS B 78 27.23 8.40 -2.87
CA LYS B 78 27.83 9.16 -3.96
C LYS B 78 28.08 8.27 -5.18
N SER B 79 28.55 7.03 -4.94
CA SER B 79 28.87 6.10 -6.02
C SER B 79 27.63 5.68 -6.80
N SER B 80 26.43 5.86 -6.25
CA SER B 80 25.23 5.45 -6.97
C SER B 80 24.94 6.36 -8.15
N GLU B 81 25.51 7.57 -8.18
CA GLU B 81 25.24 8.50 -9.28
C GLU B 81 25.54 7.89 -10.64
N HIS B 82 26.52 6.99 -10.74
CA HIS B 82 26.90 6.45 -12.05
C HIS B 82 26.67 4.95 -12.18
N MET B 83 25.85 4.32 -11.32
CA MET B 83 25.65 2.88 -11.44
C MET B 83 24.59 2.55 -12.48
N LYS B 84 24.71 1.34 -13.04
CA LYS B 84 23.70 0.78 -13.91
C LYS B 84 22.46 0.41 -13.11
N PRO B 85 21.31 0.30 -13.77
CA PRO B 85 20.08 -0.06 -13.04
C PRO B 85 20.18 -1.29 -12.17
N ARG B 86 20.88 -2.35 -12.63
CA ARG B 86 21.00 -3.55 -11.79
C ARG B 86 21.80 -3.26 -10.53
N ASP B 87 22.83 -2.41 -10.63
CA ASP B 87 23.60 -2.03 -9.45
C ASP B 87 22.78 -1.13 -8.52
N LEU B 88 21.95 -0.25 -9.10
CA LEU B 88 21.06 0.58 -8.29
C LEU B 88 20.02 -0.28 -7.56
N ASN B 89 19.44 -1.27 -8.24
CA ASN B 89 18.47 -2.14 -7.60
C ASN B 89 19.14 -2.95 -6.49
N ARG B 90 20.33 -3.47 -6.76
CA ARG B 90 21.05 -4.23 -5.74
C ARG B 90 21.40 -3.35 -4.54
N LEU B 91 21.93 -2.15 -4.78
CA LEU B 91 22.32 -1.28 -3.66
C LEU B 91 21.11 -0.93 -2.80
N GLY B 92 20.00 -0.56 -3.44
CA GLY B 92 18.81 -0.20 -2.68
C GLY B 92 18.31 -1.33 -1.81
N ASP B 93 18.42 -2.58 -2.29
CA ASP B 93 17.96 -3.75 -1.55
C ASP B 93 18.83 -4.05 -0.34
N GLU B 94 20.00 -3.44 -0.25
CA GLU B 94 20.85 -3.63 0.93
C GLU B 94 20.35 -2.85 2.13
N TYR B 95 19.41 -1.94 1.94
CA TYR B 95 18.87 -1.10 3.02
C TYR B 95 17.44 -1.49 3.32
N ASN B 96 16.97 -1.00 4.47
CA ASN B 96 15.56 -1.10 4.85
C ASN B 96 14.77 0.00 4.17
N SER B 97 13.89 -0.38 3.24
CA SER B 97 12.92 0.53 2.61
C SER B 97 13.61 1.68 1.86
N ILE B 98 14.38 1.33 0.83
CA ILE B 98 15.09 2.34 0.04
C ILE B 98 14.99 1.99 -1.44
N PHE B 99 14.64 2.98 -2.27
CA PHE B 99 14.86 2.89 -3.72
C PHE B 99 15.85 3.99 -4.14
N ILE B 100 16.63 3.72 -5.19
CA ILE B 100 17.71 4.61 -5.60
C ILE B 100 17.73 4.72 -7.12
N SER B 101 17.85 5.93 -7.64
CA SER B 101 18.16 6.19 -9.05
C SER B 101 19.48 6.98 -9.14
N ASN B 102 19.93 7.21 -10.38
CA ASN B 102 21.18 7.96 -10.60
C ASN B 102 21.10 9.40 -10.11
N GLU B 103 19.90 9.93 -9.93
CA GLU B 103 19.73 11.30 -9.44
C GLU B 103 19.55 11.38 -7.93
N SER B 104 19.50 10.24 -7.23
CA SER B 104 19.16 10.24 -5.80
C SER B 104 20.18 11.03 -4.99
N TYR B 105 21.46 10.81 -5.25
CA TYR B 105 22.50 11.47 -4.47
C TYR B 105 22.41 12.99 -4.59
N THR B 106 22.31 13.49 -5.83
CA THR B 106 22.20 14.93 -6.04
C THR B 106 20.96 15.50 -5.37
N CYS B 107 19.86 14.76 -5.41
CA CYS B 107 18.63 15.25 -4.80
C CYS B 107 18.76 15.33 -3.28
N ALA B 108 19.43 14.35 -2.66
CA ALA B 108 19.66 14.40 -1.22
C ALA B 108 20.61 15.54 -0.84
N LEU B 109 21.61 15.81 -1.69
CA LEU B 109 22.49 16.96 -1.49
C LEU B 109 21.71 18.26 -1.55
N LEU B 110 20.82 18.39 -2.54
CA LEU B 110 20.05 19.61 -2.69
C LEU B 110 19.10 19.80 -1.52
N ALA B 111 18.54 18.70 -0.99
CA ALA B 111 17.63 18.81 0.15
C ALA B 111 18.35 19.33 1.38
N ALA B 112 19.55 18.82 1.64
CA ALA B 112 20.34 19.27 2.78
C ALA B 112 20.81 20.72 2.60
N GLY B 113 21.38 21.04 1.43
CA GLY B 113 21.86 22.39 1.20
C GLY B 113 20.77 23.44 1.20
N SER B 114 19.56 23.08 0.73
CA SER B 114 18.41 23.99 0.84
C SER B 114 18.13 24.38 2.28
N CYS B 115 18.27 23.43 3.20
CA CYS B 115 18.02 23.66 4.61
C CYS B 115 19.17 24.42 5.27
N PHE B 116 20.41 24.14 4.86
CA PHE B 116 21.54 24.95 5.31
C PHE B 116 21.33 26.41 4.92
N ASN B 117 21.02 26.66 3.65
CA ASN B 117 20.75 28.04 3.20
C ASN B 117 19.60 28.67 3.98
N SER B 118 18.62 27.86 4.35
CA SER B 118 17.47 28.40 5.08
C SER B 118 17.85 28.75 6.52
N ALA B 119 18.61 27.87 7.18
CA ALA B 119 19.01 28.14 8.57
C ALA B 119 19.97 29.31 8.62
N GLN B 120 20.82 29.44 7.61
CA GLN B 120 21.73 30.57 7.59
C GLN B 120 20.99 31.88 7.35
N ALA B 121 19.91 31.85 6.58
CA ALA B 121 19.12 33.06 6.39
C ALA B 121 18.42 33.46 7.68
N ILE B 122 17.95 32.46 8.45
CA ILE B 122 17.27 32.70 9.73
C ILE B 122 18.27 33.19 10.78
N LEU B 123 19.42 32.52 10.88
CA LEU B 123 20.38 32.86 11.93
C LEU B 123 21.07 34.19 11.70
N THR B 124 21.20 34.65 10.44
CA THR B 124 21.75 35.98 10.19
C THR B 124 20.69 37.07 10.13
N GLY B 125 19.42 36.75 10.30
CA GLY B 125 18.36 37.74 10.35
C GLY B 125 17.83 38.19 9.01
N GLN B 126 18.23 37.56 7.91
CA GLN B 126 17.62 37.88 6.63
C GLN B 126 16.15 37.52 6.61
N VAL B 127 15.76 36.47 7.34
CA VAL B 127 14.36 36.13 7.52
C VAL B 127 14.14 35.73 8.97
N ARG B 128 12.88 35.76 9.39
CA ARG B 128 12.51 35.32 10.73
C ARG B 128 12.39 33.81 10.79
N ASN B 129 11.65 33.23 9.86
CA ASN B 129 11.37 31.80 9.83
C ASN B 129 11.39 31.34 8.37
N ALA B 130 11.25 30.03 8.13
CA ALA B 130 11.35 29.53 6.76
C ALA B 130 10.73 28.13 6.64
N VAL B 131 10.43 27.77 5.40
CA VAL B 131 9.84 26.48 5.07
C VAL B 131 10.64 25.89 3.91
N ALA B 132 10.92 24.59 4.00
CA ALA B 132 11.76 23.90 3.03
C ALA B 132 10.98 22.74 2.42
N ILE B 133 10.66 22.88 1.13
CA ILE B 133 9.87 21.89 0.40
C ILE B 133 10.88 21.01 -0.32
N VAL B 134 11.28 19.92 0.32
CA VAL B 134 12.43 19.15 -0.13
C VAL B 134 12.11 17.65 -0.14
N ARG B 135 12.81 16.93 -1.01
CA ARG B 135 12.80 15.50 -1.33
C ARG B 135 14.24 15.09 -1.60
N PRO B 136 14.65 13.84 -1.25
CA PRO B 136 14.00 12.82 -0.39
C PRO B 136 14.01 13.24 1.09
N PRO B 137 13.26 12.53 1.94
CA PRO B 137 13.27 12.86 3.39
C PRO B 137 14.60 12.50 4.05
N GLY B 138 14.73 12.82 5.35
CA GLY B 138 16.00 12.61 6.01
C GLY B 138 16.01 11.87 7.35
N HIS B 139 14.89 11.84 8.09
CA HIS B 139 14.99 11.54 9.52
C HIS B 139 15.27 10.08 9.85
N HIS B 140 15.09 9.15 8.91
CA HIS B 140 15.48 7.77 9.16
C HIS B 140 16.94 7.49 8.83
N ALA B 141 17.63 8.41 8.15
CA ALA B 141 19.02 8.20 7.81
C ALA B 141 19.88 8.22 9.08
N GLU B 142 20.75 7.22 9.20
CA GLU B 142 21.70 7.07 10.30
C GLU B 142 23.06 7.56 9.86
N LYS B 143 23.97 7.71 10.82
CA LYS B 143 25.33 8.12 10.48
C LYS B 143 25.92 7.22 9.39
N ASP B 144 25.67 5.92 9.48
CA ASP B 144 26.37 4.96 8.64
C ASP B 144 25.46 4.27 7.62
N THR B 145 24.19 4.65 7.51
CA THR B 145 23.35 3.92 6.56
C THR B 145 22.09 4.71 6.19
N ALA B 146 21.58 4.39 5.01
CA ALA B 146 20.30 4.92 4.53
C ALA B 146 19.16 4.02 5.01
N CYS B 147 17.97 4.61 5.12
CA CYS B 147 16.83 3.88 5.65
C CYS B 147 15.56 4.68 5.42
N GLY B 148 14.47 3.97 5.12
CA GLY B 148 13.14 4.54 5.15
C GLY B 148 12.94 5.72 4.21
N PHE B 149 13.33 5.53 2.95
CA PHE B 149 13.32 6.53 1.89
C PHE B 149 14.31 7.68 2.11
N CYS B 150 15.18 7.60 3.13
CA CYS B 150 16.08 8.70 3.48
C CYS B 150 17.54 8.30 3.24
N PHE B 151 18.35 9.23 2.72
CA PHE B 151 19.76 8.98 2.46
C PHE B 151 20.70 9.69 3.43
N PHE B 152 20.52 10.99 3.62
CA PHE B 152 21.25 11.76 4.62
C PHE B 152 20.24 12.44 5.54
N ASN B 153 20.66 12.70 6.77
CA ASN B 153 19.70 13.16 7.75
C ASN B 153 19.67 14.68 7.68
N THR B 154 18.77 15.18 6.83
CA THR B 154 18.71 16.61 6.53
C THR B 154 18.57 17.44 7.80
N ALA B 155 17.58 17.11 8.66
CA ALA B 155 17.37 17.89 9.88
C ALA B 155 18.57 17.81 10.83
N ALA B 156 19.16 16.63 11.01
CA ALA B 156 20.30 16.53 11.90
C ALA B 156 21.50 17.29 11.35
N LEU B 157 21.73 17.20 10.04
CA LEU B 157 22.78 17.97 9.38
C LEU B 157 22.59 19.47 9.59
N THR B 158 21.34 19.94 9.50
CA THR B 158 21.04 21.36 9.63
C THR B 158 21.32 21.87 11.03
N ALA B 159 21.06 21.03 12.06
CA ALA B 159 21.41 21.40 13.43
C ALA B 159 22.91 21.57 13.58
N ARG B 160 23.68 20.61 13.05
CA ARG B 160 25.13 20.75 13.12
C ARG B 160 25.61 21.89 12.25
N TYR B 161 24.99 22.09 11.07
CA TYR B 161 25.39 23.20 10.22
C TYR B 161 25.10 24.52 10.89
N ALA B 162 23.99 24.61 11.62
CA ALA B 162 23.66 25.84 12.34
C ALA B 162 24.67 26.13 13.43
N GLN B 163 25.07 25.09 14.19
CA GLN B 163 26.07 25.28 15.23
C GLN B 163 27.41 25.72 14.67
N SER B 164 27.77 25.21 13.47
CA SER B 164 29.06 25.52 12.84
C SER B 164 29.17 26.97 12.38
N ILE B 165 28.05 27.65 12.13
CA ILE B 165 28.11 29.05 11.72
C ILE B 165 27.72 29.98 12.86
N THR B 166 27.57 29.46 14.06
CA THR B 166 27.31 30.32 15.21
C THR B 166 28.25 29.91 16.35
N ARG B 167 27.89 28.89 17.13
CA ARG B 167 28.81 28.33 18.12
C ARG B 167 28.35 26.91 18.43
N GLU B 168 29.29 26.08 18.91
CA GLU B 168 28.98 24.67 19.12
C GLU B 168 27.84 24.47 20.11
N SER B 169 27.66 25.39 21.06
CA SER B 169 26.64 25.29 22.08
C SER B 169 25.30 25.86 21.67
N LEU B 170 25.12 26.22 20.41
CA LEU B 170 23.82 26.70 19.98
C LEU B 170 22.75 25.65 20.28
N ARG B 171 21.74 26.03 21.06
CA ARG B 171 20.69 25.11 21.46
C ARG B 171 19.69 24.98 20.32
N VAL B 172 19.60 23.78 19.76
CA VAL B 172 18.69 23.48 18.66
C VAL B 172 17.64 22.50 19.16
N LEU B 173 16.38 22.84 18.98
CA LEU B 173 15.28 21.92 19.20
C LEU B 173 14.87 21.32 17.85
N ILE B 174 14.83 19.99 17.76
CA ILE B 174 14.24 19.31 16.61
C ILE B 174 12.96 18.66 17.09
N VAL B 175 11.83 19.07 16.51
CA VAL B 175 10.54 18.43 16.76
C VAL B 175 10.20 17.61 15.52
N ASP B 176 10.00 16.32 15.70
CA ASP B 176 9.72 15.41 14.60
C ASP B 176 8.27 14.94 14.71
N TRP B 177 7.38 15.57 13.94
CA TRP B 177 5.98 15.15 13.99
C TRP B 177 5.59 14.28 12.79
N ASP B 178 6.55 13.84 12.00
CA ASP B 178 6.33 12.73 11.09
C ASP B 178 5.73 11.57 11.87
N VAL B 179 4.82 10.82 11.24
CA VAL B 179 4.14 9.74 11.97
C VAL B 179 5.12 8.64 12.36
N HIS B 180 6.27 8.57 11.70
CA HIS B 180 7.28 7.57 11.98
C HIS B 180 8.38 8.14 12.88
N HIS B 181 8.95 7.28 13.71
CA HIS B 181 10.04 7.71 14.59
C HIS B 181 11.30 8.04 13.80
N GLY B 182 11.91 9.19 14.10
CA GLY B 182 13.16 9.55 13.47
C GLY B 182 14.36 8.87 14.12
N ASN B 183 14.56 7.59 13.81
CA ASN B 183 15.58 6.80 14.48
C ASN B 183 16.97 7.39 14.27
N GLY B 184 17.27 7.83 13.04
CA GLY B 184 18.57 8.41 12.78
C GLY B 184 18.79 9.67 13.59
N THR B 185 17.79 10.54 13.66
CA THR B 185 17.93 11.79 14.41
C THR B 185 18.17 11.50 15.89
N GLN B 186 17.38 10.58 16.46
CA GLN B 186 17.58 10.19 17.86
C GLN B 186 19.01 9.72 18.11
N HIS B 187 19.52 8.82 17.26
CA HIS B 187 20.84 8.24 17.48
C HIS B 187 21.93 9.28 17.30
N ILE B 188 21.74 10.21 16.36
CA ILE B 188 22.78 11.18 16.08
C ILE B 188 22.99 12.08 17.30
N PHE B 189 21.92 12.38 18.04
CA PHE B 189 22.00 13.34 19.14
C PHE B 189 21.77 12.70 20.51
N GLU B 190 21.90 11.36 20.59
CA GLU B 190 21.47 10.65 21.80
C GLU B 190 22.28 11.07 23.01
N GLU B 191 23.58 11.31 22.83
CA GLU B 191 24.46 11.72 23.91
C GLU B 191 24.69 13.23 23.95
N ASP B 192 23.71 14.02 23.51
CA ASP B 192 23.90 15.45 23.26
C ASP B 192 22.83 16.23 23.99
N ASP B 193 23.26 17.19 24.81
CA ASP B 193 22.34 18.09 25.48
C ASP B 193 22.28 19.45 24.80
N SER B 194 22.97 19.62 23.67
CA SER B 194 22.88 20.84 22.88
C SER B 194 21.80 20.77 21.80
N VAL B 195 21.26 19.58 21.52
CA VAL B 195 20.20 19.39 20.55
C VAL B 195 19.13 18.53 21.20
N LEU B 196 17.94 19.09 21.33
CA LEU B 196 16.83 18.43 21.98
C LEU B 196 15.97 17.78 20.89
N TYR B 197 15.79 16.47 20.97
CA TYR B 197 14.99 15.75 19.99
C TYR B 197 13.66 15.36 20.61
N ILE B 198 12.57 15.84 20.01
CA ILE B 198 11.22 15.49 20.42
C ILE B 198 10.48 14.89 19.24
N SER B 199 10.07 13.62 19.37
CA SER B 199 9.38 12.91 18.31
C SER B 199 8.02 12.44 18.80
N LEU B 200 6.97 12.74 18.04
CA LEU B 200 5.68 12.08 18.23
C LEU B 200 5.48 11.11 17.08
N HIS B 201 5.03 9.89 17.38
CA HIS B 201 5.00 8.88 16.33
C HIS B 201 4.10 7.72 16.72
N ARG B 202 3.49 7.12 15.70
CA ARG B 202 2.82 5.84 15.87
C ARG B 202 3.85 4.78 16.22
N TYR B 203 3.54 3.98 17.23
CA TYR B 203 4.52 3.03 17.76
C TYR B 203 3.97 1.61 17.79
N GLU B 204 2.75 1.45 18.31
CA GLU B 204 2.08 0.15 18.40
C GLU B 204 2.99 -0.90 19.03
N ASP B 205 3.51 -0.59 20.21
CA ASP B 205 4.36 -1.52 20.97
C ASP B 205 5.50 -2.05 20.12
N GLY B 206 6.00 -1.21 19.21
CA GLY B 206 7.14 -1.56 18.40
C GLY B 206 6.84 -2.26 17.09
N ALA B 207 5.57 -2.36 16.71
CA ALA B 207 5.21 -3.07 15.49
C ALA B 207 5.15 -2.16 14.26
N PHE B 208 5.06 -0.85 14.45
CA PHE B 208 5.02 0.10 13.35
C PHE B 208 6.45 0.49 12.94
N PHE B 209 6.63 0.73 11.63
CA PHE B 209 7.94 1.11 11.11
C PHE B 209 8.46 2.33 11.86
N PRO B 210 9.75 2.36 12.26
CA PRO B 210 10.86 1.45 11.94
C PRO B 210 11.05 0.24 12.88
N ASN B 211 10.03 -0.15 13.64
CA ASN B 211 10.00 -1.46 14.32
C ASN B 211 11.08 -1.61 15.39
N SER B 212 11.43 -0.54 16.09
CA SER B 212 12.47 -0.63 17.11
C SER B 212 11.95 -0.08 18.43
N GLU B 213 12.27 -0.77 19.53
CA GLU B 213 11.96 -0.27 20.86
C GLU B 213 12.72 1.01 21.19
N ASP B 214 13.72 1.38 20.38
CA ASP B 214 14.36 2.69 20.52
C ASP B 214 13.34 3.83 20.60
N ALA B 215 12.16 3.64 20.02
CA ALA B 215 11.18 4.72 19.89
C ALA B 215 10.24 4.82 21.09
N ASN B 216 10.48 4.02 22.14
CA ASN B 216 9.59 4.01 23.29
C ASN B 216 9.90 5.18 24.23
N TYR B 217 8.94 5.49 25.09
CA TYR B 217 9.05 6.65 25.97
C TYR B 217 10.21 6.53 26.95
N ASP B 218 10.67 5.31 27.24
CA ASP B 218 11.71 5.15 28.25
C ASP B 218 13.11 5.41 27.72
N LYS B 219 13.26 5.64 26.41
CA LYS B 219 14.55 6.02 25.84
C LYS B 219 14.66 7.54 25.95
N VAL B 220 15.34 8.01 26.98
CA VAL B 220 15.36 9.43 27.35
C VAL B 220 16.69 10.10 27.00
N GLY B 221 17.62 9.39 26.40
CA GLY B 221 18.93 9.96 26.12
C GLY B 221 20.01 9.31 26.96
N LEU B 222 21.26 9.51 26.53
CA LEU B 222 22.42 8.82 27.09
C LEU B 222 23.44 9.81 27.62
N GLY B 223 24.02 9.51 28.79
CA GLY B 223 25.06 10.38 29.32
C GLY B 223 24.54 11.77 29.60
N LYS B 224 25.32 12.78 29.19
CA LYS B 224 24.87 14.16 29.32
C LYS B 224 23.63 14.45 28.48
N GLY B 225 23.25 13.55 27.56
CA GLY B 225 22.01 13.67 26.81
C GLY B 225 20.78 13.15 27.53
N ARG B 226 20.93 12.58 28.72
CA ARG B 226 19.79 12.14 29.51
C ARG B 226 18.81 13.28 29.73
N GLY B 227 17.58 13.10 29.26
CA GLY B 227 16.57 14.12 29.29
C GLY B 227 16.38 14.85 27.98
N TYR B 228 17.32 14.72 27.04
CA TYR B 228 17.27 15.51 25.82
C TYR B 228 16.79 14.70 24.62
N ASN B 229 16.20 13.54 24.87
CA ASN B 229 15.56 12.76 23.82
C ASN B 229 14.18 12.39 24.33
N VAL B 230 13.14 12.98 23.74
CA VAL B 230 11.78 12.82 24.23
C VAL B 230 10.98 12.06 23.18
N ASN B 231 10.62 10.81 23.48
CA ASN B 231 9.83 9.96 22.60
C ASN B 231 8.39 9.93 23.09
N ILE B 232 7.45 10.32 22.22
CA ILE B 232 6.03 10.25 22.54
C ILE B 232 5.37 9.22 21.63
N PRO B 233 5.25 7.98 22.07
CA PRO B 233 4.75 6.92 21.19
C PRO B 233 3.26 6.66 21.34
N TRP B 234 2.55 6.51 20.22
CA TRP B 234 1.11 6.23 20.22
C TRP B 234 0.86 4.75 19.98
N ASN B 235 -0.08 4.19 20.74
CA ASN B 235 -0.50 2.80 20.64
C ASN B 235 -2.02 2.71 20.59
N GLY B 236 -2.52 1.80 19.76
CA GLY B 236 -3.91 1.37 19.85
C GLY B 236 -4.95 2.45 19.65
N GLY B 237 -4.70 3.39 18.75
CA GLY B 237 -5.68 4.44 18.48
C GLY B 237 -5.36 5.21 17.22
N LYS B 238 -6.40 5.69 16.54
CA LYS B 238 -6.25 6.51 15.34
C LYS B 238 -6.20 7.95 15.79
N MET B 239 -4.99 8.42 16.06
CA MET B 239 -4.83 9.70 16.73
C MET B 239 -4.99 10.86 15.74
N GLY B 240 -5.40 12.00 16.28
CA GLY B 240 -5.58 13.21 15.49
C GLY B 240 -5.32 14.43 16.34
N ASP B 241 -5.96 15.54 15.98
CA ASP B 241 -5.72 16.84 16.62
C ASP B 241 -5.82 16.83 18.14
N PRO B 242 -6.82 16.21 18.78
CA PRO B 242 -6.86 16.26 20.25
C PRO B 242 -5.63 15.64 20.90
N GLU B 243 -5.17 14.50 20.39
CA GLU B 243 -4.01 13.83 20.97
C GLU B 243 -2.73 14.63 20.74
N TYR B 244 -2.58 15.21 19.55
CA TYR B 244 -1.38 15.99 19.28
C TYR B 244 -1.41 17.32 20.03
N MET B 245 -2.58 17.95 20.09
CA MET B 245 -2.75 19.16 20.89
C MET B 245 -2.37 18.91 22.35
N ALA B 246 -2.86 17.80 22.91
CA ALA B 246 -2.62 17.52 24.32
C ALA B 246 -1.16 17.19 24.58
N ALA B 247 -0.54 16.40 23.68
CA ALA B 247 0.88 16.10 23.82
C ALA B 247 1.71 17.37 23.75
N PHE B 248 1.30 18.34 22.93
CA PHE B 248 2.03 19.60 22.89
C PHE B 248 1.85 20.37 24.19
N HIS B 249 0.62 20.44 24.70
CA HIS B 249 0.34 21.20 25.91
C HIS B 249 1.00 20.58 27.13
N HIS B 250 0.98 19.25 27.23
CA HIS B 250 1.50 18.60 28.43
C HIS B 250 2.99 18.31 28.36
N LEU B 251 3.54 18.15 27.16
CA LEU B 251 4.93 17.69 27.08
C LEU B 251 5.80 18.56 26.21
N VAL B 252 5.40 18.75 24.95
CA VAL B 252 6.33 19.33 23.98
C VAL B 252 6.67 20.76 24.36
N MET B 253 5.64 21.56 24.62
CA MET B 253 5.81 23.00 24.86
C MET B 253 6.45 23.29 26.23
N PRO B 254 6.04 22.62 27.33
CA PRO B 254 6.75 22.83 28.62
C PRO B 254 8.22 22.45 28.57
N ILE B 255 8.56 21.31 27.96
CA ILE B 255 9.96 20.93 27.86
C ILE B 255 10.73 21.92 27.00
N ALA B 256 10.19 22.26 25.82
CA ALA B 256 10.89 23.16 24.90
C ALA B 256 11.12 24.54 25.50
N ARG B 257 10.12 25.09 26.20
CA ARG B 257 10.35 26.37 26.85
C ARG B 257 11.50 26.29 27.85
N GLU B 258 11.56 25.20 28.62
CA GLU B 258 12.65 25.05 29.58
C GLU B 258 13.99 24.91 28.88
N PHE B 259 14.00 24.24 27.73
CA PHE B 259 15.22 24.13 26.95
C PHE B 259 15.69 25.49 26.45
N ALA B 260 14.74 26.39 26.16
CA ALA B 260 15.02 27.69 25.58
C ALA B 260 15.85 27.60 24.29
N PRO B 261 15.33 26.93 23.26
CA PRO B 261 16.12 26.79 22.02
C PRO B 261 16.38 28.14 21.38
N GLU B 262 17.47 28.23 20.63
CA GLU B 262 17.71 29.42 19.82
C GLU B 262 17.39 29.19 18.35
N LEU B 263 16.91 28.01 18.01
CA LEU B 263 16.50 27.68 16.65
C LEU B 263 15.63 26.44 16.77
N VAL B 264 14.52 26.44 16.05
CA VAL B 264 13.59 25.32 16.05
C VAL B 264 13.58 24.73 14.64
N LEU B 265 13.88 23.46 14.54
CA LEU B 265 13.77 22.73 13.28
C LEU B 265 12.60 21.78 13.43
N VAL B 266 11.65 21.84 12.51
CA VAL B 266 10.55 20.88 12.50
C VAL B 266 10.85 19.84 11.42
N SER B 267 11.07 18.60 11.85
CA SER B 267 11.04 17.47 10.94
C SER B 267 9.57 17.22 10.62
N ALA B 268 9.08 17.93 9.59
CA ALA B 268 7.65 18.08 9.35
C ALA B 268 7.22 17.07 8.29
N GLY B 269 7.08 15.83 8.73
CA GLY B 269 6.36 14.86 7.94
C GLY B 269 4.87 15.10 8.10
N PHE B 270 4.13 14.88 7.03
CA PHE B 270 2.69 15.04 7.09
C PHE B 270 1.99 13.72 6.85
N ASP B 271 2.63 12.61 7.27
CA ASP B 271 2.03 11.28 7.15
C ASP B 271 1.21 10.89 8.38
N ALA B 272 1.13 11.75 9.39
CA ALA B 272 0.08 11.63 10.41
C ALA B 272 -1.22 12.29 9.98
N ALA B 273 -1.26 12.88 8.79
CA ALA B 273 -2.43 13.60 8.33
C ALA B 273 -3.58 12.66 8.03
N ARG B 274 -4.79 13.19 8.20
CA ARG B 274 -5.99 12.54 7.69
C ARG B 274 -5.82 12.25 6.22
N GLY B 275 -6.06 11.01 5.82
CA GLY B 275 -5.95 10.63 4.44
C GLY B 275 -4.63 10.04 4.03
N ASP B 276 -3.65 9.99 4.93
CA ASP B 276 -2.36 9.43 4.55
C ASP B 276 -2.47 7.91 4.39
N PRO B 277 -1.86 7.35 3.34
CA PRO B 277 -1.95 5.89 3.15
C PRO B 277 -1.05 5.08 4.06
N LEU B 278 0.01 5.66 4.63
CA LEU B 278 0.94 4.92 5.48
C LEU B 278 0.66 5.12 6.96
N GLY B 279 0.27 6.32 7.37
CA GLY B 279 0.13 6.65 8.78
C GLY B 279 -1.12 6.09 9.45
N GLY B 280 -2.28 6.20 8.80
CA GLY B 280 -3.53 5.79 9.38
C GLY B 280 -4.08 6.73 10.43
N PHE B 281 -3.59 7.96 10.51
CA PHE B 281 -3.98 8.88 11.56
C PHE B 281 -4.85 9.99 10.99
N GLN B 282 -5.22 10.95 11.84
CA GLN B 282 -6.23 11.91 11.40
C GLN B 282 -5.91 13.35 11.81
N VAL B 283 -4.64 13.73 11.87
CA VAL B 283 -4.34 15.14 12.09
C VAL B 283 -4.85 15.93 10.89
N THR B 284 -5.51 17.04 11.16
CA THR B 284 -6.04 17.87 10.09
C THR B 284 -5.05 18.97 9.73
N PRO B 285 -5.22 19.64 8.59
CA PRO B 285 -4.36 20.80 8.28
C PRO B 285 -4.46 21.91 9.33
N GLU B 286 -5.64 22.09 9.92
CA GLU B 286 -5.79 23.08 10.98
C GLU B 286 -5.03 22.67 12.24
N GLY B 287 -4.95 21.37 12.52
CA GLY B 287 -4.12 20.90 13.61
C GLY B 287 -2.65 21.21 13.40
N TYR B 288 -2.15 20.91 12.19
CA TYR B 288 -0.76 21.27 11.85
C TYR B 288 -0.54 22.76 11.98
N ALA B 289 -1.53 23.58 11.60
CA ALA B 289 -1.39 25.01 11.80
C ALA B 289 -1.24 25.35 13.28
N HIS B 290 -1.99 24.67 14.15
CA HIS B 290 -1.90 24.98 15.58
C HIS B 290 -0.57 24.55 16.17
N LEU B 291 -0.05 23.39 15.76
CA LEU B 291 1.28 22.99 16.23
C LEU B 291 2.37 23.95 15.73
N THR B 292 2.24 24.46 14.50
CA THR B 292 3.22 25.44 14.03
C THR B 292 3.13 26.72 14.84
N HIS B 293 1.91 27.21 15.04
CA HIS B 293 1.73 28.46 15.80
C HIS B 293 2.27 28.34 17.22
N GLN B 294 2.19 27.15 17.83
CA GLN B 294 2.76 26.98 19.15
C GLN B 294 4.29 27.03 19.12
N LEU B 295 4.92 26.35 18.15
CA LEU B 295 6.38 26.39 18.06
C LEU B 295 6.92 27.79 17.75
N MET B 296 6.11 28.64 17.14
CA MET B 296 6.55 30.00 16.84
C MET B 296 6.73 30.87 18.08
N SER B 297 6.25 30.45 19.25
CA SER B 297 6.52 31.17 20.50
C SER B 297 7.88 30.83 21.09
N LEU B 298 8.66 29.96 20.42
CA LEU B 298 9.98 29.59 20.87
C LEU B 298 11.03 30.30 20.02
N ALA B 299 12.22 30.47 20.59
CA ALA B 299 13.40 30.96 19.88
C ALA B 299 13.16 32.30 19.20
N ALA B 300 12.21 33.09 19.74
CA ALA B 300 11.78 34.37 19.14
C ALA B 300 11.25 34.18 17.72
N GLY B 301 10.67 33.00 17.47
CA GLY B 301 10.06 32.68 16.20
C GLY B 301 10.98 32.15 15.14
N ARG B 302 12.20 31.74 15.52
CA ARG B 302 13.18 31.26 14.54
C ARG B 302 12.89 29.78 14.30
N VAL B 303 12.02 29.51 13.34
CA VAL B 303 11.51 28.17 13.07
C VAL B 303 11.78 27.83 11.61
N LEU B 304 12.35 26.64 11.38
CA LEU B 304 12.57 26.14 10.03
C LEU B 304 11.79 24.83 9.87
N ILE B 305 10.74 24.87 9.04
CA ILE B 305 9.89 23.72 8.80
C ILE B 305 10.45 22.94 7.62
N ILE B 306 10.87 21.69 7.85
CA ILE B 306 11.52 20.85 6.85
C ILE B 306 10.63 19.66 6.50
N LEU B 307 10.27 19.53 5.21
CA LEU B 307 9.44 18.42 4.77
C LEU B 307 10.14 17.09 5.02
N GLU B 308 9.43 16.17 5.67
CA GLU B 308 9.90 14.81 5.80
C GLU B 308 8.99 13.91 4.97
N GLY B 309 8.19 13.04 5.63
CA GLY B 309 7.26 12.17 4.94
C GLY B 309 5.93 12.85 4.62
N GLY B 310 4.90 12.03 4.42
CA GLY B 310 3.61 12.57 4.01
C GLY B 310 3.29 12.20 2.59
N TYR B 311 2.29 11.34 2.39
CA TYR B 311 2.21 10.62 1.13
C TYR B 311 0.85 10.70 0.46
N ASN B 312 -0.08 11.48 1.00
CA ASN B 312 -1.29 11.85 0.30
C ASN B 312 -1.08 13.27 -0.24
N LEU B 313 -1.09 13.40 -1.56
CA LEU B 313 -0.67 14.65 -2.20
C LEU B 313 -1.58 15.80 -1.82
N THR B 314 -2.89 15.54 -1.65
CA THR B 314 -3.77 16.62 -1.24
C THR B 314 -3.57 16.95 0.23
N SER B 315 -3.34 15.94 1.08
CA SER B 315 -3.21 16.21 2.51
C SER B 315 -1.93 16.97 2.81
N ILE B 316 -0.80 16.56 2.22
CA ILE B 316 0.47 17.25 2.46
C ILE B 316 0.45 18.66 1.87
N SER B 317 -0.25 18.86 0.75
CA SER B 317 -0.27 20.18 0.14
C SER B 317 -1.08 21.16 0.98
N GLU B 318 -2.24 20.74 1.48
CA GLU B 318 -3.01 21.59 2.38
C GLU B 318 -2.32 21.78 3.72
N SER B 319 -1.71 20.72 4.26
CA SER B 319 -1.15 20.80 5.61
C SER B 319 0.09 21.68 5.65
N MET B 320 1.00 21.51 4.69
CA MET B 320 2.21 22.31 4.77
C MET B 320 1.94 23.77 4.37
N SER B 321 0.99 24.03 3.47
CA SER B 321 0.58 25.40 3.18
C SER B 321 0.06 26.11 4.44
N MET B 322 -0.75 25.40 5.23
CA MET B 322 -1.22 25.94 6.51
C MET B 322 -0.06 26.29 7.45
N CYS B 323 0.97 25.46 7.49
CA CYS B 323 2.11 25.77 8.34
C CYS B 323 2.80 27.05 7.87
N THR B 324 2.96 27.20 6.56
CA THR B 324 3.54 28.43 6.00
C THR B 324 2.66 29.64 6.30
N SER B 325 1.34 29.49 6.16
CA SER B 325 0.41 30.54 6.54
C SER B 325 0.67 31.00 7.98
N MET B 326 0.89 30.04 8.89
CA MET B 326 1.19 30.36 10.27
C MET B 326 2.50 31.14 10.38
N LEU B 327 3.55 30.66 9.70
CA LEU B 327 4.85 31.33 9.73
C LEU B 327 4.74 32.77 9.23
N LEU B 328 3.84 33.03 8.30
CA LEU B 328 3.67 34.36 7.74
C LEU B 328 2.92 35.30 8.67
N GLY B 329 2.40 34.79 9.79
CA GLY B 329 1.71 35.60 10.76
C GLY B 329 0.20 35.55 10.69
N ASP B 330 -0.36 34.60 9.93
CA ASP B 330 -1.81 34.53 9.81
C ASP B 330 -2.42 33.99 11.10
N SER B 331 -3.64 34.43 11.37
CA SER B 331 -4.36 33.99 12.55
C SER B 331 -4.58 32.48 12.48
N PRO B 332 -4.30 31.74 13.55
CA PRO B 332 -4.52 30.29 13.54
C PRO B 332 -5.97 29.96 13.28
N PRO B 333 -6.25 28.96 12.42
CA PRO B 333 -7.65 28.59 12.14
C PRO B 333 -8.33 28.02 13.37
N SER B 334 -9.63 27.75 13.24
CA SER B 334 -10.45 27.33 14.37
C SER B 334 -10.44 25.80 14.52
N LEU B 335 -10.27 25.34 15.74
CA LEU B 335 -10.25 23.91 16.05
C LEU B 335 -11.54 23.45 16.72
N THR B 339 -12.53 18.20 23.08
CA THR B 339 -12.84 16.83 22.69
C THR B 339 -11.96 15.86 23.48
N PRO B 340 -12.59 14.86 24.11
CA PRO B 340 -11.83 13.94 24.97
C PRO B 340 -10.88 13.07 24.16
N LEU B 341 -9.70 12.84 24.74
CA LEU B 341 -8.66 12.03 24.11
C LEU B 341 -9.09 10.58 23.96
N LYS B 342 -8.45 9.90 23.01
CA LYS B 342 -8.48 8.44 23.03
C LYS B 342 -7.79 7.95 24.30
N THR B 343 -8.34 6.89 24.90
CA THR B 343 -7.90 6.47 26.23
C THR B 343 -6.41 6.16 26.26
N SER B 344 -5.92 5.43 25.27
CA SER B 344 -4.50 5.07 25.22
C SER B 344 -3.60 6.28 24.97
N ALA B 345 -4.11 7.35 24.39
CA ALA B 345 -3.29 8.56 24.24
C ALA B 345 -2.99 9.17 25.60
N THR B 346 -3.94 9.09 26.54
CA THR B 346 -3.66 9.52 27.91
C THR B 346 -2.59 8.65 28.56
N VAL B 347 -2.62 7.34 28.30
CA VAL B 347 -1.61 6.46 28.88
C VAL B 347 -0.23 6.83 28.37
N SER B 348 -0.12 7.12 27.06
CA SER B 348 1.16 7.46 26.46
C SER B 348 1.75 8.74 27.06
N ILE B 349 0.92 9.78 27.16
CA ILE B 349 1.41 11.06 27.67
C ILE B 349 1.90 10.91 29.10
N ASN B 350 1.15 10.19 29.93
CA ASN B 350 1.55 9.98 31.32
C ASN B 350 2.85 9.20 31.42
N ASN B 351 3.04 8.22 30.54
CA ASN B 351 4.29 7.46 30.53
C ASN B 351 5.47 8.37 30.18
N VAL B 352 5.28 9.30 29.23
CA VAL B 352 6.36 10.23 28.90
C VAL B 352 6.60 11.20 30.04
N LEU B 353 5.53 11.69 30.68
CA LEU B 353 5.67 12.59 31.82
C LEU B 353 6.48 11.94 32.94
N ARG B 354 6.14 10.70 33.29
CA ARG B 354 6.88 10.03 34.34
C ARG B 354 8.34 9.85 33.96
N ALA B 355 8.59 9.51 32.69
CA ALA B 355 9.97 9.23 32.27
C ALA B 355 10.83 10.48 32.25
N HIS B 356 10.22 11.65 32.03
CA HIS B 356 10.99 12.88 31.86
C HIS B 356 10.81 13.88 32.99
N ALA B 357 9.87 13.66 33.89
CA ALA B 357 9.77 14.49 35.08
C ALA B 357 11.09 14.69 35.82
N PRO B 358 11.96 13.67 35.97
CA PRO B 358 13.25 13.92 36.66
C PRO B 358 14.08 15.05 36.05
N PHE B 359 14.22 15.09 34.73
CA PHE B 359 15.13 16.03 34.10
C PHE B 359 14.51 17.39 33.75
N TRP B 360 13.19 17.56 33.91
CA TRP B 360 12.54 18.81 33.50
C TRP B 360 11.55 19.24 34.57
N SER B 361 11.96 20.24 35.38
CA SER B 361 11.16 20.68 36.52
C SER B 361 9.82 21.28 36.10
N SER B 362 9.70 21.77 34.85
CA SER B 362 8.41 22.21 34.35
C SER B 362 7.36 21.10 34.33
N LEU B 363 7.77 19.86 34.59
CA LEU B 363 6.85 18.73 34.61
C LEU B 363 6.55 18.26 36.04
N TYR C 2 -17.75 -20.11 5.66
CA TYR C 2 -16.87 -20.31 6.79
C TYR C 2 -17.73 -20.34 8.05
N SER C 5 -21.46 -24.55 9.79
CA SER C 5 -22.90 -24.67 9.85
C SER C 5 -23.46 -25.48 8.68
N ARG C 7 -24.34 -24.27 5.15
CA ARG C 7 -24.61 -23.50 3.96
C ARG C 7 -23.85 -22.18 4.06
N VAL C 8 -22.65 -22.12 4.85
CA VAL C 8 -21.94 -20.86 4.91
C VAL C 8 -20.56 -21.18 4.33
N TYR D 2 6.94 0.56 3.39
CA TYR D 2 5.89 0.41 2.39
C TYR D 2 5.93 -1.01 1.84
N SER D 5 4.35 -5.93 4.58
CA SER D 5 4.80 -7.17 5.21
C SER D 5 5.02 -6.99 6.71
N ARG D 7 7.83 -5.19 8.60
CA ARG D 7 8.98 -4.46 9.08
C ARG D 7 9.51 -3.56 7.96
N VAL D 8 8.60 -3.09 6.95
CA VAL D 8 9.08 -2.24 5.88
C VAL D 8 8.23 -0.99 5.99
#